data_4KU2
#
_entry.id   4KU2
#
_cell.length_a   82.204
_cell.length_b   85.379
_cell.length_c   102.706
_cell.angle_alpha   90.00
_cell.angle_beta   90.00
_cell.angle_gamma   90.00
#
_symmetry.space_group_name_H-M   'P 21 21 21'
#
loop_
_entity.id
_entity.type
_entity.pdbx_description
1 polymer '3-oxoacyl-[ACP] synthase III'
2 non-polymer TETRADECANOYL-COA
3 water water
#
_entity_poly.entity_id   1
_entity_poly.type   'polypeptide(L)'
_entity_poly.pdbx_seq_one_letter_code
;MGSSHHHHHHSSGLVPRGSHMLFQNVSIAGLAHIDAPHTLTSKEINERLQPTYDRLGIKTDVLGDVAGIHARRLWDQDVQ
ASDAATQAARKALIDANIGIEKIGLLINTSVSRDYLEPSTASIVSGNLGVSDHCMTFDVANAALAFINGMDIAARMLERG
EIDYALVVDGETANLVYEKTLERMTSPDVTEEEFRNELAALTLGCGAAAMVMARSELVPDAPRYKGGVTRSATEWNKLCR
GNLDRMVTDTRLLLIEGIKLAQKTFVAAKQVLGWAVEELDQFVIHQVSRPHTAAFVKSFGIDPAKVMTIFGEHGNIGPAS
VPIVLSKLKELGRLKKGDRIALLGIGSGLNCSMAEVVW
;
_entity_poly.pdbx_strand_id   A,B
#
# COMPACT_ATOMS: atom_id res chain seq x y z
N SER A 19 -28.27 -10.42 0.40
CA SER A 19 -26.93 -10.22 0.96
C SER A 19 -26.49 -8.75 0.97
N HIS A 20 -26.73 -8.08 -0.15
CA HIS A 20 -26.19 -6.75 -0.42
C HIS A 20 -24.66 -6.77 -0.31
N MET A 21 -24.09 -7.95 -0.53
CA MET A 21 -22.64 -8.23 -0.47
C MET A 21 -22.02 -8.03 0.92
N LEU A 22 -22.85 -8.05 1.96
CA LEU A 22 -22.34 -8.01 3.33
C LEU A 22 -21.65 -9.35 3.66
N PHE A 23 -20.64 -9.30 4.52
CA PHE A 23 -19.87 -10.50 4.79
C PHE A 23 -20.60 -11.53 5.65
N GLN A 24 -20.48 -12.78 5.28
CA GLN A 24 -21.12 -13.88 5.99
C GLN A 24 -20.04 -14.65 6.74
N ASN A 25 -20.32 -15.01 8.00
CA ASN A 25 -19.42 -15.84 8.78
C ASN A 25 -17.97 -15.38 8.84
N VAL A 26 -17.79 -14.08 8.99
CA VAL A 26 -16.49 -13.51 9.22
C VAL A 26 -16.50 -12.86 10.62
N SER A 27 -15.53 -13.20 11.45
CA SER A 27 -15.54 -12.79 12.85
C SER A 27 -14.26 -12.07 13.31
N ILE A 28 -14.38 -11.31 14.40
CA ILE A 28 -13.19 -10.72 15.05
C ILE A 28 -12.78 -11.63 16.20
N ALA A 29 -11.69 -12.37 16.01
CA ALA A 29 -11.24 -13.34 17.03
C ALA A 29 -10.36 -12.69 18.11
N GLY A 30 -9.71 -11.58 17.74
CA GLY A 30 -8.80 -10.94 18.65
C GLY A 30 -8.60 -9.47 18.30
N LEU A 31 -8.42 -8.63 19.32
CA LEU A 31 -8.19 -7.21 19.06
C LEU A 31 -7.29 -6.62 20.13
N ALA A 32 -6.42 -5.68 19.74
CA ALA A 32 -5.51 -5.00 20.68
C ALA A 32 -4.98 -3.64 20.17
N HIS A 33 -4.55 -2.79 21.09
CA HIS A 33 -3.97 -1.50 20.73
C HIS A 33 -2.75 -1.32 21.60
N ILE A 34 -1.86 -0.43 21.18
CA ILE A 34 -0.72 0.00 21.97
C ILE A 34 -0.79 1.53 22.06
N ASP A 35 -0.75 2.05 23.28
CA ASP A 35 -0.64 3.49 23.54
C ASP A 35 0.84 3.86 23.55
N ALA A 36 1.27 4.84 22.73
CA ALA A 36 2.69 5.26 22.78
C ALA A 36 3.05 5.91 24.12
N PRO A 37 4.31 5.74 24.57
CA PRO A 37 4.58 5.97 26.01
C PRO A 37 4.80 7.43 26.41
N HIS A 38 5.19 8.30 25.48
CA HIS A 38 5.64 9.62 25.91
C HIS A 38 4.58 10.68 25.61
N THR A 39 4.13 11.37 26.65
CA THR A 39 3.16 12.44 26.43
C THR A 39 3.80 13.76 26.02
N LEU A 40 3.30 14.35 24.93
CA LEU A 40 3.68 15.68 24.47
C LEU A 40 2.45 16.59 24.57
N THR A 41 2.48 17.56 25.48
CA THR A 41 1.31 18.43 25.69
C THR A 41 1.22 19.59 24.70
N SER A 42 0.01 20.06 24.40
CA SER A 42 -0.12 21.26 23.59
C SER A 42 0.47 22.47 24.33
N LYS A 43 0.38 22.45 25.67
CA LYS A 43 1.01 23.50 26.47
C LYS A 43 2.54 23.54 26.16
N GLU A 44 3.21 22.39 26.16
CA GLU A 44 4.62 22.36 25.78
C GLU A 44 4.85 22.91 24.36
N ILE A 45 4.06 22.41 23.41
CA ILE A 45 4.13 22.88 22.03
C ILE A 45 3.97 24.41 21.93
N ASN A 46 2.92 24.94 22.56
CA ASN A 46 2.67 26.38 22.55
C ASN A 46 3.81 27.22 23.16
N GLU A 47 4.47 26.68 24.19
CA GLU A 47 5.71 27.27 24.70
C GLU A 47 6.73 27.49 23.58
N ARG A 48 6.99 26.45 22.79
CA ARG A 48 7.98 26.57 21.72
C ARG A 48 7.50 27.57 20.66
N LEU A 49 6.22 27.49 20.30
CA LEU A 49 5.69 28.31 19.21
C LEU A 49 5.41 29.76 19.61
N GLN A 50 5.48 30.09 20.89
CA GLN A 50 5.01 31.39 21.37
C GLN A 50 5.61 32.60 20.63
N PRO A 51 6.95 32.64 20.45
CA PRO A 51 7.51 33.76 19.68
C PRO A 51 6.87 33.93 18.28
N THR A 52 6.59 32.81 17.64
CA THR A 52 6.02 32.82 16.30
C THR A 52 4.55 33.26 16.36
N TYR A 53 3.84 32.80 17.39
CA TYR A 53 2.46 33.23 17.61
C TYR A 53 2.39 34.75 17.69
N ASP A 54 3.25 35.31 18.53
CA ASP A 54 3.32 36.75 18.78
C ASP A 54 3.70 37.53 17.53
N ARG A 55 4.71 37.05 16.80
CA ARG A 55 5.07 37.71 15.55
C ARG A 55 3.87 37.72 14.59
N LEU A 56 3.13 36.62 14.53
CA LEU A 56 2.00 36.48 13.61
C LEU A 56 0.73 37.06 14.18
N GLY A 57 0.79 37.50 15.45
CA GLY A 57 -0.36 38.08 16.12
C GLY A 57 -1.50 37.11 16.47
N ILE A 58 -1.20 35.82 16.49
CA ILE A 58 -2.14 34.82 16.97
C ILE A 58 -2.31 34.88 18.51
N LYS A 59 -3.52 35.21 18.96
CA LYS A 59 -3.79 35.41 20.39
C LYS A 59 -4.65 34.30 21.00
N THR A 60 -5.11 33.41 20.15
CA THR A 60 -5.96 32.30 20.54
C THR A 60 -5.13 31.00 20.59
N ASP A 61 -5.51 30.07 21.47
CA ASP A 61 -4.86 28.76 21.50
C ASP A 61 -5.49 27.87 20.43
N VAL A 62 -4.91 27.89 19.25
CA VAL A 62 -5.48 27.18 18.12
C VAL A 62 -5.39 25.65 18.27
N LEU A 63 -4.45 25.16 19.06
CA LEU A 63 -4.36 23.71 19.27
C LEU A 63 -5.34 23.21 20.34
N GLY A 64 -5.26 23.78 21.55
CA GLY A 64 -6.07 23.36 22.68
C GLY A 64 -7.53 23.81 22.64
N ASP A 65 -7.78 25.03 22.21
CA ASP A 65 -9.14 25.54 22.22
C ASP A 65 -9.87 25.36 20.88
N VAL A 66 -9.19 25.67 19.78
CA VAL A 66 -9.83 25.50 18.46
C VAL A 66 -9.90 24.02 18.04
N ALA A 67 -8.74 23.39 17.82
CA ALA A 67 -8.71 21.97 17.45
C ALA A 67 -9.21 21.05 18.58
N GLY A 68 -9.08 21.50 19.82
CA GLY A 68 -9.51 20.68 20.95
C GLY A 68 -8.54 19.54 21.29
N ILE A 69 -7.26 19.74 20.99
CA ILE A 69 -6.26 18.73 21.35
C ILE A 69 -5.37 19.19 22.48
N HIS A 70 -5.37 18.41 23.56
CA HIS A 70 -4.61 18.82 24.75
C HIS A 70 -3.29 18.08 24.94
N ALA A 71 -3.18 16.91 24.30
CA ALA A 71 -1.96 16.11 24.36
C ALA A 71 -1.94 15.10 23.23
N ARG A 72 -0.75 14.58 22.96
CA ARG A 72 -0.60 13.44 22.06
C ARG A 72 0.57 12.58 22.54
N ARG A 73 0.66 11.34 22.07
CA ARG A 73 1.74 10.44 22.52
C ARG A 73 2.77 10.24 21.39
N LEU A 74 4.05 10.11 21.77
CA LEU A 74 5.13 9.81 20.82
C LEU A 74 5.89 8.55 21.26
N TRP A 75 6.57 7.89 20.32
CA TRP A 75 7.44 6.76 20.68
C TRP A 75 8.82 7.30 20.97
N ASP A 76 9.75 6.38 21.26
CA ASP A 76 11.18 6.67 21.14
C ASP A 76 11.54 6.85 19.65
N GLN A 77 12.65 7.55 19.42
CA GLN A 77 13.12 7.89 18.09
C GLN A 77 13.39 6.65 17.24
N ASP A 78 13.83 5.57 17.88
CA ASP A 78 14.24 4.35 17.17
C ASP A 78 13.11 3.35 16.86
N VAL A 79 11.87 3.70 17.22
CA VAL A 79 10.73 2.84 16.91
C VAL A 79 10.21 3.06 15.47
N GLN A 80 10.32 2.01 14.65
CA GLN A 80 9.80 2.02 13.29
C GLN A 80 8.30 1.64 13.26
N ALA A 81 7.61 2.03 12.21
CA ALA A 81 6.26 1.53 11.97
C ALA A 81 6.17 0.01 12.15
N SER A 82 7.09 -0.75 11.56
CA SER A 82 7.05 -2.21 11.77
C SER A 82 7.17 -2.63 13.23
N ASP A 83 7.95 -1.89 14.02
CA ASP A 83 8.11 -2.21 15.44
C ASP A 83 6.78 -2.01 16.18
N ALA A 84 6.15 -0.85 16.01
CA ALA A 84 4.88 -0.58 16.68
C ALA A 84 3.78 -1.59 16.26
N ALA A 85 3.70 -1.89 14.96
CA ALA A 85 2.77 -2.91 14.45
C ALA A 85 3.01 -4.30 15.04
N THR A 86 4.29 -4.71 15.09
CA THR A 86 4.67 -5.99 15.68
C THR A 86 4.20 -6.06 17.15
N GLN A 87 4.38 -4.98 17.91
CA GLN A 87 3.91 -4.99 19.31
C GLN A 87 2.38 -5.22 19.38
N ALA A 88 1.62 -4.52 18.55
CA ALA A 88 0.16 -4.70 18.55
C ALA A 88 -0.26 -6.12 18.12
N ALA A 89 0.42 -6.67 17.11
CA ALA A 89 0.13 -8.01 16.60
C ALA A 89 0.32 -9.12 17.65
N ARG A 90 1.41 -9.03 18.41
CA ARG A 90 1.66 -10.05 19.44
C ARG A 90 0.55 -10.01 20.50
N LYS A 91 0.18 -8.80 20.90
CA LYS A 91 -0.94 -8.61 21.84
C LYS A 91 -2.27 -9.14 21.29
N ALA A 92 -2.55 -8.88 20.01
CA ALA A 92 -3.78 -9.40 19.43
C ALA A 92 -3.82 -10.92 19.33
N LEU A 93 -2.67 -11.52 19.02
CA LEU A 93 -2.54 -12.97 18.95
C LEU A 93 -2.89 -13.61 20.29
N ILE A 94 -2.39 -13.01 21.37
CA ILE A 94 -2.75 -13.45 22.74
C ILE A 94 -4.27 -13.28 22.96
N ASP A 95 -4.82 -12.19 22.43
CA ASP A 95 -6.23 -11.91 22.69
C ASP A 95 -7.14 -12.94 22.00
N ALA A 96 -6.69 -13.45 20.84
CA ALA A 96 -7.38 -14.50 20.11
C ALA A 96 -6.95 -15.89 20.59
N ASN A 97 -5.96 -15.91 21.48
CA ASN A 97 -5.43 -17.17 21.97
C ASN A 97 -5.00 -18.12 20.83
N ILE A 98 -4.23 -17.60 19.87
CA ILE A 98 -3.68 -18.43 18.79
C ILE A 98 -2.20 -18.10 18.56
N GLY A 99 -1.46 -19.08 18.04
CA GLY A 99 -0.10 -18.85 17.59
C GLY A 99 0.01 -18.33 16.16
N ILE A 100 1.14 -17.71 15.86
CA ILE A 100 1.38 -17.15 14.53
C ILE A 100 1.25 -18.20 13.43
N GLU A 101 1.47 -19.48 13.75
CA GLU A 101 1.40 -20.51 12.72
C GLU A 101 0.01 -20.64 12.10
N LYS A 102 -1.01 -20.10 12.77
CA LYS A 102 -2.38 -20.22 12.29
C LYS A 102 -2.71 -19.13 11.24
N ILE A 103 -1.90 -18.09 11.21
CA ILE A 103 -2.20 -16.92 10.37
C ILE A 103 -1.84 -17.18 8.91
N GLY A 104 -2.82 -17.05 8.02
CA GLY A 104 -2.61 -17.29 6.60
C GLY A 104 -2.49 -16.03 5.76
N LEU A 105 -2.79 -14.88 6.36
CA LEU A 105 -2.74 -13.58 5.70
C LEU A 105 -2.33 -12.54 6.72
N LEU A 106 -1.36 -11.69 6.38
CA LEU A 106 -1.01 -10.52 7.20
C LEU A 106 -0.99 -9.28 6.34
N ILE A 107 -1.91 -8.34 6.62
CA ILE A 107 -1.94 -7.04 5.95
C ILE A 107 -1.56 -5.91 6.92
N ASN A 108 -0.59 -5.09 6.51
CA ASN A 108 -0.20 -3.87 7.23
C ASN A 108 -0.88 -2.68 6.58
N THR A 109 -1.59 -1.85 7.36
CA THR A 109 -2.44 -0.79 6.75
C THR A 109 -1.97 0.66 7.07
N SER A 110 -0.78 0.79 7.63
CA SER A 110 -0.37 2.09 8.15
C SER A 110 0.01 3.09 7.06
N VAL A 111 -0.16 4.37 7.40
CA VAL A 111 0.42 5.50 6.65
C VAL A 111 1.96 5.49 6.81
N SER A 112 2.45 5.44 8.05
CA SER A 112 3.91 5.31 8.27
C SER A 112 4.43 4.05 7.57
N ARG A 113 5.66 4.11 7.08
N ARG A 113 5.64 4.11 7.03
CA ARG A 113 6.29 2.94 6.48
CA ARG A 113 6.27 2.94 6.44
C ARG A 113 7.81 3.00 6.60
C ARG A 113 7.80 3.00 6.58
N ASP A 114 8.42 1.84 6.84
CA ASP A 114 9.88 1.75 7.01
C ASP A 114 10.66 2.14 5.71
N TYR A 115 10.20 1.64 4.55
CA TYR A 115 10.88 1.84 3.25
C TYR A 115 9.82 1.89 2.14
N LEU A 116 10.19 2.37 0.95
CA LEU A 116 9.30 2.19 -0.20
C LEU A 116 9.23 0.70 -0.53
N GLU A 117 10.36 0.00 -0.37
CA GLU A 117 10.40 -1.46 -0.51
C GLU A 117 11.46 -2.03 0.41
N PRO A 118 11.19 -3.20 1.02
CA PRO A 118 10.00 -4.07 0.94
C PRO A 118 8.81 -3.50 1.72
N SER A 119 7.68 -4.20 1.73
CA SER A 119 6.51 -3.75 2.48
C SER A 119 6.82 -3.78 3.97
N THR A 120 6.09 -2.99 4.71
CA THR A 120 6.23 -3.01 6.16
C THR A 120 5.70 -4.36 6.65
N ALA A 121 4.63 -4.84 6.02
CA ALA A 121 4.08 -6.17 6.29
C ALA A 121 5.13 -7.29 6.29
N SER A 122 6.08 -7.27 5.36
CA SER A 122 7.14 -8.28 5.29
CA SER A 122 7.10 -8.32 5.32
C SER A 122 8.04 -8.22 6.52
N ILE A 123 8.32 -7.00 6.94
CA ILE A 123 9.16 -6.79 8.11
C ILE A 123 8.43 -7.29 9.36
N VAL A 124 7.16 -6.91 9.50
CA VAL A 124 6.35 -7.40 10.64
C VAL A 124 6.26 -8.93 10.60
N SER A 125 6.02 -9.50 9.42
CA SER A 125 5.92 -10.96 9.29
C SER A 125 7.21 -11.72 9.66
N GLY A 126 8.35 -11.18 9.24
CA GLY A 126 9.65 -11.72 9.67
C GLY A 126 9.88 -11.65 11.18
N ASN A 127 9.51 -10.53 11.81
CA ASN A 127 9.59 -10.38 13.26
C ASN A 127 8.76 -11.47 13.95
N LEU A 128 7.52 -11.65 13.49
CA LEU A 128 6.59 -12.60 14.11
C LEU A 128 6.88 -14.07 13.77
N GLY A 129 7.56 -14.32 12.65
CA GLY A 129 7.81 -15.69 12.22
C GLY A 129 6.66 -16.44 11.56
N VAL A 130 5.91 -15.76 10.67
CA VAL A 130 4.85 -16.43 9.90
C VAL A 130 5.45 -17.55 9.06
N SER A 131 4.59 -18.48 8.63
CA SER A 131 5.04 -19.61 7.83
C SER A 131 5.24 -19.20 6.37
N ASP A 132 5.86 -20.08 5.60
CA ASP A 132 6.12 -19.83 4.18
C ASP A 132 4.85 -19.94 3.31
N HIS A 133 3.73 -20.29 3.94
CA HIS A 133 2.41 -20.26 3.27
C HIS A 133 1.65 -18.93 3.49
N CYS A 134 2.17 -18.05 4.36
CA CYS A 134 1.46 -16.83 4.74
C CYS A 134 1.60 -15.73 3.67
N MET A 135 0.45 -15.22 3.22
CA MET A 135 0.39 -14.14 2.23
C MET A 135 0.48 -12.78 2.92
N THR A 136 1.43 -11.94 2.51
CA THR A 136 1.59 -10.64 3.18
C THR A 136 1.76 -9.50 2.15
N PHE A 137 1.22 -8.33 2.49
CA PHE A 137 1.40 -7.10 1.72
C PHE A 137 0.86 -5.90 2.53
N ASP A 138 1.22 -4.69 2.09
CA ASP A 138 0.68 -3.46 2.68
C ASP A 138 -0.53 -2.96 1.86
N VAL A 139 -1.44 -2.30 2.54
CA VAL A 139 -2.48 -1.49 1.92
C VAL A 139 -2.30 -0.08 2.45
N ALA A 140 -2.27 0.91 1.55
CA ALA A 140 -2.20 2.33 1.97
C ALA A 140 -3.40 3.11 1.44
N ASN A 141 -4.08 3.82 2.32
CA ASN A 141 -5.24 4.62 1.91
C ASN A 141 -5.59 5.65 2.99
N ALA A 142 -4.57 6.38 3.44
CA ALA A 142 -4.76 7.37 4.51
C ALA A 142 -5.49 6.75 5.71
N ALA A 143 -6.43 7.50 6.31
CA ALA A 143 -7.08 7.03 7.54
C ALA A 143 -8.10 5.90 7.42
N LEU A 144 -8.45 5.49 6.19
CA LEU A 144 -9.43 4.40 6.05
C LEU A 144 -8.85 3.01 5.84
N ALA A 145 -7.54 2.91 5.66
CA ALA A 145 -6.90 1.65 5.29
C ALA A 145 -7.16 0.44 6.21
N PHE A 146 -7.35 0.64 7.51
CA PHE A 146 -7.59 -0.52 8.38
C PHE A 146 -8.91 -1.20 8.00
N ILE A 147 -9.93 -0.40 7.74
CA ILE A 147 -11.19 -0.92 7.27
C ILE A 147 -11.00 -1.61 5.90
N ASN A 148 -10.24 -0.99 4.98
CA ASN A 148 -9.92 -1.64 3.68
C ASN A 148 -9.25 -2.99 3.91
N GLY A 149 -8.33 -3.05 4.86
CA GLY A 149 -7.64 -4.29 5.21
C GLY A 149 -8.59 -5.36 5.74
N MET A 150 -9.50 -4.96 6.63
CA MET A 150 -10.52 -5.87 7.14
C MET A 150 -11.40 -6.43 6.02
N ASP A 151 -11.77 -5.59 5.04
CA ASP A 151 -12.62 -6.07 3.92
C ASP A 151 -11.86 -7.10 3.07
N ILE A 152 -10.60 -6.81 2.80
CA ILE A 152 -9.79 -7.72 1.97
C ILE A 152 -9.62 -9.07 2.68
N ALA A 153 -9.32 -9.05 3.98
CA ALA A 153 -9.20 -10.28 4.74
C ALA A 153 -10.57 -10.99 4.76
N ALA A 154 -11.65 -10.22 5.00
CA ALA A 154 -12.98 -10.79 5.06
C ALA A 154 -13.36 -11.57 3.78
N ARG A 155 -12.99 -11.04 2.61
CA ARG A 155 -13.30 -11.76 1.36
C ARG A 155 -12.59 -13.10 1.29
N MET A 156 -11.36 -13.17 1.83
CA MET A 156 -10.66 -14.46 1.87
C MET A 156 -11.26 -15.41 2.91
N LEU A 157 -11.62 -14.84 4.06
CA LEU A 157 -12.17 -15.65 5.14
C LEU A 157 -13.55 -16.22 4.78
N GLU A 158 -14.42 -15.36 4.27
CA GLU A 158 -15.72 -15.81 3.82
C GLU A 158 -15.63 -16.97 2.82
N ARG A 159 -14.75 -16.85 1.82
CA ARG A 159 -14.51 -17.93 0.86
C ARG A 159 -13.88 -19.20 1.45
N GLY A 160 -13.18 -19.07 2.58
CA GLY A 160 -12.55 -20.22 3.22
C GLY A 160 -11.15 -20.52 2.72
N GLU A 161 -10.50 -19.56 2.06
CA GLU A 161 -9.12 -19.72 1.62
C GLU A 161 -8.11 -19.77 2.79
N ILE A 162 -8.46 -19.11 3.89
CA ILE A 162 -7.60 -19.06 5.07
C ILE A 162 -8.50 -19.19 6.29
N ASP A 163 -7.92 -19.48 7.45
CA ASP A 163 -8.68 -19.65 8.69
C ASP A 163 -8.58 -18.39 9.55
N TYR A 164 -7.40 -17.79 9.52
CA TYR A 164 -7.13 -16.62 10.35
C TYR A 164 -6.29 -15.61 9.60
N ALA A 165 -6.57 -14.33 9.86
CA ALA A 165 -5.76 -13.25 9.28
C ALA A 165 -5.35 -12.28 10.38
N LEU A 166 -4.23 -11.59 10.16
CA LEU A 166 -3.84 -10.44 10.96
C LEU A 166 -3.96 -9.15 10.12
N VAL A 167 -4.58 -8.12 10.69
CA VAL A 167 -4.55 -6.77 10.12
C VAL A 167 -3.83 -5.87 11.14
N VAL A 168 -2.75 -5.23 10.71
CA VAL A 168 -1.81 -4.55 11.65
C VAL A 168 -1.51 -3.12 11.22
N ASP A 169 -1.20 -2.24 12.17
CA ASP A 169 -1.05 -0.83 11.85
C ASP A 169 -0.31 -0.06 12.99
N GLY A 170 0.92 0.36 12.73
CA GLY A 170 1.70 1.16 13.70
C GLY A 170 1.96 2.51 13.04
N GLU A 171 1.71 3.59 13.78
CA GLU A 171 1.90 4.93 13.20
C GLU A 171 2.97 5.68 13.98
N THR A 172 3.92 6.27 13.26
CA THR A 172 4.99 7.08 13.86
CA THR A 172 4.88 7.13 13.94
C THR A 172 4.93 8.56 13.43
N ALA A 173 4.62 9.46 14.36
CA ALA A 173 4.56 10.89 14.08
C ALA A 173 5.78 11.64 14.64
N ASN A 174 6.73 10.91 15.23
CA ASN A 174 7.94 11.55 15.77
C ASN A 174 8.65 12.56 14.85
N LEU A 175 8.95 12.15 13.62
CA LEU A 175 9.71 12.98 12.72
C LEU A 175 8.89 14.16 12.23
N VAL A 176 7.59 13.97 12.03
CA VAL A 176 6.77 15.11 11.62
C VAL A 176 6.72 16.20 12.72
N TYR A 177 6.61 15.81 13.99
CA TYR A 177 6.68 16.80 15.08
C TYR A 177 8.04 17.50 15.10
N GLU A 178 9.12 16.71 15.03
CA GLU A 178 10.47 17.26 15.10
C GLU A 178 10.71 18.30 14.01
N LYS A 179 10.36 17.95 12.78
CA LYS A 179 10.70 18.83 11.66
C LYS A 179 9.72 19.98 11.51
N THR A 180 8.43 19.73 11.79
CA THR A 180 7.43 20.79 11.70
C THR A 180 7.74 21.87 12.73
N LEU A 181 8.03 21.47 13.96
CA LEU A 181 8.34 22.43 15.02
C LEU A 181 9.53 23.31 14.69
N GLU A 182 10.59 22.72 14.12
CA GLU A 182 11.74 23.49 13.66
C GLU A 182 11.38 24.51 12.55
N ARG A 183 10.71 24.05 11.50
CA ARG A 183 10.26 24.95 10.44
C ARG A 183 9.39 26.11 11.01
N MET A 184 8.45 25.79 11.90
CA MET A 184 7.49 26.76 12.40
C MET A 184 8.08 27.79 13.38
N THR A 185 9.20 27.43 14.00
CA THR A 185 9.89 28.33 14.93
C THR A 185 11.08 29.03 14.25
N SER A 186 11.15 28.91 12.92
CA SER A 186 12.13 29.66 12.12
C SER A 186 11.79 31.14 12.11
N PRO A 187 12.83 31.99 12.12
CA PRO A 187 12.59 33.43 12.12
C PRO A 187 11.94 33.86 10.79
N ASP A 188 12.04 33.00 9.79
CA ASP A 188 11.62 33.34 8.44
C ASP A 188 10.35 32.63 7.99
N VAL A 189 9.69 31.89 8.89
CA VAL A 189 8.50 31.14 8.50
C VAL A 189 7.35 32.10 8.17
N THR A 190 6.68 31.84 7.06
CA THR A 190 5.60 32.71 6.62
C THR A 190 4.29 32.30 7.27
N GLU A 191 3.36 33.24 7.37
CA GLU A 191 2.03 32.97 7.88
C GLU A 191 1.38 31.82 7.10
N GLU A 192 1.51 31.85 5.77
CA GLU A 192 0.97 30.75 4.94
C GLU A 192 1.55 29.36 5.29
N GLU A 193 2.88 29.25 5.41
CA GLU A 193 3.53 27.99 5.79
CA GLU A 193 3.50 27.97 5.77
C GLU A 193 3.02 27.50 7.15
N PHE A 194 2.99 28.41 8.12
CA PHE A 194 2.51 28.12 9.47
C PHE A 194 1.09 27.55 9.45
N ARG A 195 0.17 28.28 8.83
CA ARG A 195 -1.20 27.78 8.68
C ARG A 195 -1.27 26.43 7.96
N ASN A 196 -0.50 26.28 6.87
CA ASN A 196 -0.54 25.06 6.05
C ASN A 196 -0.13 23.83 6.86
N GLU A 197 0.78 24.04 7.80
CA GLU A 197 1.40 22.92 8.50
C GLU A 197 0.84 22.63 9.87
N LEU A 198 -0.03 23.53 10.36
CA LEU A 198 -0.53 23.46 11.74
C LEU A 198 -1.21 22.14 12.08
N ALA A 199 -1.92 21.51 11.13
CA ALA A 199 -2.69 20.30 11.45
C ALA A 199 -1.77 19.14 11.74
N ALA A 200 -0.53 19.21 11.23
CA ALA A 200 0.47 18.22 11.61
C ALA A 200 0.59 18.07 13.13
N LEU A 201 0.33 19.17 13.84
CA LEU A 201 0.52 19.16 15.30
C LEU A 201 -0.72 18.63 16.01
N THR A 202 -1.63 18.03 15.25
CA THR A 202 -2.76 17.31 15.83
C THR A 202 -2.62 15.80 15.68
N LEU A 203 -1.54 15.34 15.04
CA LEU A 203 -1.28 13.91 14.82
C LEU A 203 -0.78 13.23 16.10
N GLY A 204 -0.91 11.91 16.20
CA GLY A 204 -0.44 11.18 17.38
C GLY A 204 0.13 9.80 17.04
N CYS A 205 1.02 9.25 17.85
CA CYS A 205 1.53 7.89 17.64
C CYS A 205 0.63 6.88 18.33
N GLY A 206 0.61 5.66 17.79
CA GLY A 206 -0.11 4.57 18.43
C GLY A 206 -0.12 3.36 17.52
N ALA A 207 -0.71 2.26 17.94
CA ALA A 207 -0.76 1.08 17.09
C ALA A 207 -1.96 0.22 17.39
N ALA A 208 -2.37 -0.58 16.41
CA ALA A 208 -3.49 -1.52 16.61
C ALA A 208 -3.33 -2.79 15.78
N ALA A 209 -4.01 -3.86 16.17
CA ALA A 209 -4.00 -5.07 15.35
C ALA A 209 -5.24 -5.88 15.67
N MET A 210 -5.70 -6.64 14.68
CA MET A 210 -6.91 -7.42 14.80
C MET A 210 -6.63 -8.80 14.19
N VAL A 211 -7.13 -9.84 14.85
CA VAL A 211 -7.12 -11.18 14.28
C VAL A 211 -8.54 -11.44 13.84
N MET A 212 -8.71 -11.67 12.53
CA MET A 212 -10.02 -12.07 12.01
C MET A 212 -10.03 -13.56 11.73
N ALA A 213 -11.22 -14.18 11.78
CA ALA A 213 -11.35 -15.63 11.63
C ALA A 213 -12.68 -16.01 10.98
N ARG A 214 -12.71 -17.20 10.39
CA ARG A 214 -13.95 -17.83 9.98
C ARG A 214 -14.78 -18.10 11.24
N SER A 215 -16.05 -17.68 11.21
CA SER A 215 -16.92 -17.74 12.39
C SER A 215 -17.08 -19.14 13.00
N GLU A 216 -17.09 -20.16 12.14
CA GLU A 216 -17.13 -21.55 12.59
C GLU A 216 -16.05 -21.84 13.64
N LEU A 217 -14.91 -21.19 13.54
CA LEU A 217 -13.83 -21.40 14.51
C LEU A 217 -14.05 -20.68 15.84
N VAL A 218 -14.84 -19.61 15.81
CA VAL A 218 -15.03 -18.74 16.99
C VAL A 218 -16.49 -18.28 17.09
N PRO A 219 -17.41 -19.20 17.39
CA PRO A 219 -18.88 -18.99 17.35
C PRO A 219 -19.35 -17.84 18.24
N ASP A 220 -18.64 -17.53 19.31
CA ASP A 220 -19.06 -16.46 20.22
C ASP A 220 -18.41 -15.10 20.01
N ALA A 221 -17.52 -15.01 19.02
CA ALA A 221 -16.84 -13.76 18.72
C ALA A 221 -17.75 -12.76 17.98
N PRO A 222 -17.43 -11.46 18.10
CA PRO A 222 -18.13 -10.44 17.31
C PRO A 222 -18.10 -10.77 15.82
N ARG A 223 -19.12 -10.33 15.09
CA ARG A 223 -19.22 -10.52 13.63
C ARG A 223 -18.93 -9.22 12.93
N TYR A 224 -18.17 -9.30 11.84
CA TYR A 224 -17.93 -8.16 10.97
C TYR A 224 -18.75 -8.32 9.70
N LYS A 225 -19.63 -7.36 9.41
CA LYS A 225 -20.54 -7.42 8.26
C LYS A 225 -20.05 -6.69 7.01
N GLY A 226 -19.03 -5.83 7.17
CA GLY A 226 -18.61 -4.91 6.13
C GLY A 226 -19.54 -3.69 6.03
N GLY A 227 -19.56 -3.05 4.86
CA GLY A 227 -20.45 -1.92 4.66
C GLY A 227 -20.25 -1.30 3.30
N VAL A 228 -20.17 0.03 3.27
CA VAL A 228 -20.18 0.81 2.04
C VAL A 228 -19.06 1.86 2.02
N THR A 229 -18.67 2.26 0.82
CA THR A 229 -17.67 3.30 0.61
CA THR A 229 -17.69 3.33 0.64
C THR A 229 -18.12 4.24 -0.52
N ARG A 230 -17.82 5.54 -0.38
CA ARG A 230 -18.05 6.49 -1.46
C ARG A 230 -16.79 7.34 -1.51
N SER A 231 -16.56 8.01 -2.65
CA SER A 231 -15.33 8.77 -2.80
C SER A 231 -15.56 10.16 -3.41
N ALA A 232 -14.62 11.06 -3.18
CA ALA A 232 -14.57 12.35 -3.89
C ALA A 232 -13.09 12.65 -4.20
N THR A 233 -12.52 11.88 -5.13
CA THR A 233 -11.09 11.96 -5.44
C THR A 233 -10.64 13.25 -6.15
N GLU A 234 -11.59 14.12 -6.57
CA GLU A 234 -11.22 15.48 -7.04
C GLU A 234 -10.64 16.35 -5.90
N TRP A 235 -10.76 15.87 -4.65
CA TRP A 235 -10.24 16.60 -3.49
C TRP A 235 -8.92 16.03 -2.95
N ASN A 236 -8.16 15.33 -3.80
CA ASN A 236 -6.95 14.61 -3.34
C ASN A 236 -5.81 15.54 -2.90
N LYS A 237 -5.90 16.83 -3.21
CA LYS A 237 -4.83 17.74 -2.84
C LYS A 237 -5.01 18.33 -1.44
N LEU A 238 -6.19 18.17 -0.85
CA LEU A 238 -6.52 18.83 0.43
C LEU A 238 -5.59 18.52 1.62
N CYS A 239 -5.03 17.31 1.65
CA CYS A 239 -4.15 16.90 2.76
C CYS A 239 -3.03 16.01 2.24
N ARG A 240 -1.83 16.58 2.22
CA ARG A 240 -0.65 15.84 1.75
C ARG A 240 0.44 15.66 2.82
N GLY A 241 0.80 14.40 3.08
CA GLY A 241 1.80 14.05 4.07
C GLY A 241 2.97 13.21 3.60
N ASN A 242 4.13 13.50 4.18
N ASN A 242 4.17 13.56 4.09
CA ASN A 242 5.31 12.67 4.06
CA ASN A 242 5.33 12.66 4.02
C ASN A 242 5.93 12.51 5.44
C ASN A 242 5.88 12.42 5.42
N LEU A 243 7.05 11.80 5.53
CA LEU A 243 7.60 11.46 6.84
C LEU A 243 7.82 12.67 7.76
N ASP A 244 8.23 13.80 7.19
CA ASP A 244 8.56 14.97 8.03
C ASP A 244 7.67 16.21 7.82
N ARG A 245 6.61 16.06 7.02
CA ARG A 245 5.75 17.20 6.69
C ARG A 245 4.30 16.80 6.36
N MET A 246 3.32 17.50 6.92
CA MET A 246 1.91 17.39 6.46
C MET A 246 1.31 18.78 6.22
N VAL A 247 0.74 18.94 5.03
CA VAL A 247 0.14 20.18 4.56
C VAL A 247 -1.36 19.91 4.35
N THR A 248 -2.20 20.74 4.97
CA THR A 248 -3.63 20.47 5.08
C THR A 248 -4.48 21.75 4.95
N ASP A 249 -5.49 21.70 4.10
CA ASP A 249 -6.52 22.74 4.03
C ASP A 249 -7.67 22.33 4.92
N THR A 250 -7.57 22.73 6.19
CA THR A 250 -8.48 22.30 7.22
C THR A 250 -9.92 22.74 6.98
N ARG A 251 -10.09 24.01 6.63
CA ARG A 251 -11.42 24.53 6.26
C ARG A 251 -12.16 23.72 5.17
N LEU A 252 -11.48 23.44 4.06
CA LEU A 252 -12.07 22.68 2.96
C LEU A 252 -12.27 21.21 3.28
N LEU A 253 -11.32 20.61 4.01
CA LEU A 253 -11.44 19.24 4.47
C LEU A 253 -12.74 19.08 5.22
N LEU A 254 -13.05 20.03 6.10
CA LEU A 254 -14.28 19.92 6.87
C LEU A 254 -15.50 19.97 5.96
N ILE A 255 -15.60 21.02 5.15
CA ILE A 255 -16.77 21.18 4.32
C ILE A 255 -16.97 20.02 3.35
N GLU A 256 -15.88 19.59 2.71
CA GLU A 256 -16.03 18.58 1.66
C GLU A 256 -16.16 17.18 2.27
N GLY A 257 -15.57 17.01 3.44
CA GLY A 257 -15.65 15.74 4.16
C GLY A 257 -17.08 15.45 4.56
N ILE A 258 -17.75 16.47 5.09
CA ILE A 258 -19.12 16.31 5.56
C ILE A 258 -20.05 16.01 4.41
N LYS A 259 -19.84 16.69 3.27
CA LYS A 259 -20.65 16.48 2.09
C LYS A 259 -20.55 15.02 1.64
N LEU A 260 -19.34 14.46 1.70
CA LEU A 260 -19.09 13.07 1.29
C LEU A 260 -19.73 12.05 2.24
N ALA A 261 -19.58 12.28 3.53
CA ALA A 261 -20.27 11.46 4.55
C ALA A 261 -21.79 11.38 4.33
N GLN A 262 -22.39 12.47 3.88
CA GLN A 262 -23.83 12.45 3.78
C GLN A 262 -24.22 11.51 2.68
N LYS A 263 -23.39 11.46 1.62
CA LYS A 263 -23.65 10.55 0.50
C LYS A 263 -23.54 9.15 1.04
N THR A 264 -22.47 8.92 1.79
CA THR A 264 -22.15 7.60 2.30
C THR A 264 -23.26 7.13 3.26
N PHE A 265 -23.78 8.06 4.07
CA PHE A 265 -24.89 7.73 4.96
C PHE A 265 -26.16 7.26 4.25
N VAL A 266 -26.47 7.88 3.11
CA VAL A 266 -27.60 7.45 2.30
C VAL A 266 -27.40 5.99 1.86
N ALA A 267 -26.18 5.67 1.45
CA ALA A 267 -25.85 4.31 1.06
C ALA A 267 -25.93 3.35 2.25
N ALA A 268 -25.45 3.79 3.41
CA ALA A 268 -25.43 2.93 4.61
C ALA A 268 -26.86 2.55 4.99
N LYS A 269 -27.77 3.51 4.83
CA LYS A 269 -29.17 3.24 5.10
C LYS A 269 -29.76 2.23 4.10
N GLN A 270 -29.39 2.32 2.82
CA GLN A 270 -29.82 1.30 1.85
C GLN A 270 -29.21 -0.06 2.16
N VAL A 271 -27.90 -0.15 2.29
CA VAL A 271 -27.32 -1.48 2.37
C VAL A 271 -27.22 -2.09 3.78
N LEU A 272 -27.04 -1.25 4.78
CA LEU A 272 -26.91 -1.72 6.14
C LEU A 272 -28.23 -1.64 6.91
N GLY A 273 -29.16 -0.82 6.43
CA GLY A 273 -30.45 -0.66 7.07
C GLY A 273 -30.34 0.20 8.31
N TRP A 274 -29.39 1.13 8.28
CA TRP A 274 -29.08 1.94 9.45
C TRP A 274 -30.11 3.02 9.78
N ALA A 275 -30.58 3.04 11.02
CA ALA A 275 -31.23 4.21 11.59
C ALA A 275 -30.45 4.53 12.86
N VAL A 276 -29.99 5.78 13.00
CA VAL A 276 -29.02 6.16 14.04
C VAL A 276 -29.39 5.79 15.46
N GLU A 277 -30.69 5.89 15.78
CA GLU A 277 -31.13 5.60 17.15
C GLU A 277 -31.08 4.10 17.45
N GLU A 278 -30.94 3.30 16.40
CA GLU A 278 -30.83 1.84 16.55
C GLU A 278 -29.40 1.32 16.60
N LEU A 279 -28.43 2.21 16.40
CA LEU A 279 -27.02 1.86 16.60
C LEU A 279 -26.59 2.09 18.07
N ASP A 280 -25.73 1.23 18.60
CA ASP A 280 -25.33 1.33 20.02
C ASP A 280 -24.03 2.10 20.27
N GLN A 281 -23.09 2.00 19.33
CA GLN A 281 -21.86 2.77 19.37
C GLN A 281 -21.49 3.28 17.97
N PHE A 282 -20.87 4.45 17.91
CA PHE A 282 -20.28 5.01 16.70
C PHE A 282 -18.79 5.20 16.92
N VAL A 283 -17.99 4.44 16.18
CA VAL A 283 -16.54 4.50 16.27
C VAL A 283 -16.06 5.32 15.08
N ILE A 284 -15.74 6.59 15.33
CA ILE A 284 -15.49 7.54 14.25
C ILE A 284 -14.04 8.00 14.18
N HIS A 285 -13.45 7.96 12.98
N HIS A 285 -13.44 7.97 12.99
CA HIS A 285 -12.11 8.52 12.80
CA HIS A 285 -12.10 8.52 12.86
C HIS A 285 -12.15 10.02 13.09
C HIS A 285 -12.14 10.02 13.10
N GLN A 286 -11.17 10.52 13.86
CA GLN A 286 -11.17 11.94 14.23
C GLN A 286 -10.03 12.82 13.73
N VAL A 287 -10.41 13.93 13.09
CA VAL A 287 -9.43 14.90 12.61
C VAL A 287 -9.29 16.14 13.56
N SER A 288 -10.38 16.51 14.25
CA SER A 288 -10.41 17.58 15.26
C SER A 288 -11.76 17.62 15.99
N ARG A 289 -11.82 18.31 17.14
CA ARG A 289 -13.06 18.44 17.88
C ARG A 289 -14.21 19.10 17.08
N PRO A 290 -13.94 20.22 16.36
CA PRO A 290 -15.04 20.79 15.58
C PRO A 290 -15.51 19.93 14.40
N HIS A 291 -14.59 19.23 13.73
N HIS A 291 -14.58 19.24 13.73
CA HIS A 291 -14.99 18.34 12.63
CA HIS A 291 -14.95 18.33 12.65
C HIS A 291 -15.92 17.25 13.17
C HIS A 291 -15.92 17.27 13.18
N THR A 292 -15.59 16.72 14.34
CA THR A 292 -16.38 15.66 14.95
C THR A 292 -17.78 16.15 15.39
N ALA A 293 -17.81 17.31 16.04
CA ALA A 293 -19.08 17.96 16.39
C ALA A 293 -19.99 18.21 15.17
N ALA A 294 -19.39 18.65 14.06
CA ALA A 294 -20.15 18.88 12.82
C ALA A 294 -20.72 17.58 12.29
N PHE A 295 -19.88 16.54 12.26
CA PHE A 295 -20.30 15.20 11.85
C PHE A 295 -21.50 14.71 12.68
N VAL A 296 -21.35 14.69 13.98
CA VAL A 296 -22.42 14.25 14.87
C VAL A 296 -23.73 15.06 14.70
N LYS A 297 -23.61 16.39 14.66
CA LYS A 297 -24.76 17.26 14.44
C LYS A 297 -25.46 16.94 13.12
N SER A 298 -24.67 16.67 12.07
CA SER A 298 -25.21 16.38 10.75
C SER A 298 -26.15 15.18 10.73
N PHE A 299 -25.78 14.12 11.44
CA PHE A 299 -26.56 12.88 11.34
C PHE A 299 -27.43 12.60 12.57
N GLY A 300 -27.54 13.59 13.45
CA GLY A 300 -28.34 13.46 14.65
C GLY A 300 -27.86 12.35 15.59
N ILE A 301 -26.55 12.15 15.63
CA ILE A 301 -25.98 11.11 16.48
C ILE A 301 -26.01 11.52 17.96
N ASP A 302 -26.42 10.60 18.83
CA ASP A 302 -26.33 10.78 20.28
C ASP A 302 -24.84 10.81 20.69
N PRO A 303 -24.35 11.97 21.16
CA PRO A 303 -22.95 12.19 21.57
C PRO A 303 -22.48 11.20 22.65
N ALA A 304 -23.41 10.69 23.46
CA ALA A 304 -23.10 9.63 24.42
C ALA A 304 -22.65 8.31 23.75
N LYS A 305 -22.90 8.20 22.44
CA LYS A 305 -22.60 6.98 21.69
C LYS A 305 -21.29 7.11 20.90
N VAL A 306 -20.58 8.21 21.14
CA VAL A 306 -19.37 8.53 20.40
C VAL A 306 -18.15 8.70 21.31
N MET A 307 -17.30 7.68 21.38
CA MET A 307 -16.09 7.79 22.20
C MET A 307 -15.05 8.62 21.48
N THR A 308 -14.37 9.49 22.21
N THR A 308 -14.35 9.47 22.23
CA THR A 308 -13.26 10.23 21.63
CA THR A 308 -13.28 10.30 21.67
C THR A 308 -11.98 10.11 22.47
C THR A 308 -11.98 10.17 22.47
N ILE A 309 -10.86 9.95 21.77
CA ILE A 309 -9.54 9.93 22.41
C ILE A 309 -8.65 11.00 21.79
N PHE A 310 -9.22 11.79 20.89
CA PHE A 310 -8.46 12.85 20.21
C PHE A 310 -7.82 13.86 21.17
N GLY A 311 -8.56 14.14 22.25
CA GLY A 311 -8.18 15.15 23.22
C GLY A 311 -6.83 14.85 23.85
N GLU A 312 -6.52 13.57 24.02
CA GLU A 312 -5.26 13.15 24.66
C GLU A 312 -4.35 12.28 23.77
N HIS A 313 -4.83 11.88 22.60
CA HIS A 313 -3.98 11.08 21.72
C HIS A 313 -3.84 11.65 20.33
N GLY A 314 -4.63 12.68 20.06
CA GLY A 314 -4.66 13.26 18.73
C GLY A 314 -5.16 12.25 17.70
N ASN A 315 -4.81 12.51 16.44
CA ASN A 315 -5.32 11.73 15.30
C ASN A 315 -4.25 10.69 14.93
N ILE A 316 -4.58 9.40 15.11
CA ILE A 316 -3.63 8.32 14.89
C ILE A 316 -3.82 7.67 13.51
N GLY A 317 -4.30 8.47 12.55
CA GLY A 317 -4.40 8.01 11.18
C GLY A 317 -5.30 6.78 11.12
N PRO A 318 -4.92 5.81 10.27
CA PRO A 318 -5.79 4.63 10.06
C PRO A 318 -5.85 3.70 11.27
N ALA A 319 -4.98 3.88 12.25
CA ALA A 319 -5.09 3.11 13.50
C ALA A 319 -6.20 3.61 14.42
N SER A 320 -6.70 4.82 14.18
CA SER A 320 -7.63 5.45 15.13
C SER A 320 -8.87 4.61 15.39
N VAL A 321 -9.54 4.17 14.31
CA VAL A 321 -10.77 3.39 14.47
C VAL A 321 -10.55 2.11 15.27
N PRO A 322 -9.52 1.29 14.94
CA PRO A 322 -9.41 0.06 15.75
C PRO A 322 -8.87 0.32 17.19
N ILE A 323 -8.05 1.33 17.37
CA ILE A 323 -7.66 1.75 18.72
C ILE A 323 -8.91 2.10 19.55
N VAL A 324 -9.81 2.90 18.97
CA VAL A 324 -11.05 3.26 19.71
C VAL A 324 -11.90 2.02 20.00
N LEU A 325 -12.08 1.14 19.02
CA LEU A 325 -12.83 -0.10 19.21
C LEU A 325 -12.22 -0.94 20.34
N SER A 326 -10.90 -1.12 20.29
CA SER A 326 -10.19 -1.87 21.32
C SER A 326 -10.38 -1.24 22.69
N LYS A 327 -10.28 0.09 22.76
CA LYS A 327 -10.50 0.79 24.04
C LYS A 327 -11.93 0.62 24.59
N LEU A 328 -12.92 0.65 23.69
CA LEU A 328 -14.31 0.39 24.08
C LEU A 328 -14.44 -1.01 24.63
N LYS A 329 -13.84 -1.97 23.93
CA LYS A 329 -13.89 -3.35 24.44
C LYS A 329 -13.27 -3.41 25.85
N GLU A 330 -12.07 -2.87 26.00
CA GLU A 330 -11.34 -2.91 27.27
CA GLU A 330 -11.37 -2.96 27.27
C GLU A 330 -12.09 -2.19 28.40
N LEU A 331 -12.88 -1.18 28.05
CA LEU A 331 -13.64 -0.42 29.06
C LEU A 331 -14.93 -1.11 29.52
N GLY A 332 -15.25 -2.27 28.95
CA GLY A 332 -16.49 -2.96 29.27
C GLY A 332 -17.72 -2.32 28.64
N ARG A 333 -17.52 -1.36 27.75
CA ARG A 333 -18.63 -0.64 27.11
C ARG A 333 -19.41 -1.47 26.07
N LEU A 334 -18.85 -2.61 25.64
CA LEU A 334 -19.43 -3.44 24.57
C LEU A 334 -20.11 -4.72 25.08
N LYS A 335 -21.39 -4.92 24.74
CA LYS A 335 -22.11 -6.12 25.14
C LYS A 335 -22.56 -6.93 23.94
N LYS A 336 -22.71 -8.23 24.13
CA LYS A 336 -23.28 -9.11 23.12
C LYS A 336 -24.53 -8.50 22.46
N GLY A 337 -24.54 -8.44 21.14
CA GLY A 337 -25.72 -7.97 20.41
C GLY A 337 -25.64 -6.49 20.08
N ASP A 338 -24.68 -5.77 20.68
CA ASP A 338 -24.48 -4.35 20.39
C ASP A 338 -24.15 -4.14 18.93
N ARG A 339 -24.81 -3.18 18.29
CA ARG A 339 -24.52 -2.85 16.90
C ARG A 339 -23.58 -1.65 16.87
N ILE A 340 -22.41 -1.88 16.31
CA ILE A 340 -21.35 -0.89 16.32
C ILE A 340 -21.06 -0.43 14.92
N ALA A 341 -21.10 0.89 14.72
CA ALA A 341 -20.82 1.51 13.43
C ALA A 341 -19.38 1.99 13.40
N LEU A 342 -18.62 1.55 12.40
CA LEU A 342 -17.26 2.05 12.12
C LEU A 342 -17.39 3.08 11.01
N LEU A 343 -16.96 4.34 11.24
CA LEU A 343 -17.17 5.44 10.29
C LEU A 343 -15.93 6.29 10.15
N GLY A 344 -15.58 6.72 8.95
CA GLY A 344 -14.49 7.67 8.82
C GLY A 344 -14.47 8.38 7.48
N ILE A 345 -13.94 9.61 7.44
CA ILE A 345 -13.58 10.28 6.19
C ILE A 345 -12.04 10.33 6.13
N GLY A 346 -11.42 9.82 5.06
CA GLY A 346 -9.95 9.75 4.94
C GLY A 346 -9.47 10.61 3.76
N SER A 347 -8.25 11.18 3.81
CA SER A 347 -7.77 11.99 2.70
C SER A 347 -7.91 11.20 1.41
N GLY A 348 -8.21 11.88 0.32
CA GLY A 348 -8.56 11.18 -0.92
C GLY A 348 -9.44 12.03 -1.84
N LEU A 349 -10.62 12.45 -1.39
CA LEU A 349 -11.28 11.99 -0.18
C LEU A 349 -11.97 10.62 -0.32
N ASN A 350 -12.06 9.87 0.79
CA ASN A 350 -12.84 8.63 0.84
C ASN A 350 -13.69 8.62 2.10
N CYS A 351 -14.79 7.87 2.08
CA CYS A 351 -15.59 7.67 3.28
C CYS A 351 -16.14 6.26 3.30
N SER A 352 -15.93 5.57 4.41
CA SER A 352 -16.39 4.21 4.57
C SER A 352 -17.19 4.07 5.87
N MET A 353 -18.24 3.25 5.82
CA MET A 353 -19.07 3.02 7.02
C MET A 353 -19.37 1.53 7.02
N ALA A 354 -19.07 0.85 8.14
CA ALA A 354 -19.22 -0.60 8.24
C ALA A 354 -19.79 -0.98 9.60
N GLU A 355 -20.34 -2.20 9.72
CA GLU A 355 -20.97 -2.65 10.96
C GLU A 355 -20.30 -3.88 11.57
N VAL A 356 -20.17 -3.86 12.88
CA VAL A 356 -19.79 -5.02 13.67
C VAL A 356 -20.94 -5.35 14.61
N VAL A 357 -21.27 -6.62 14.76
CA VAL A 357 -22.24 -6.97 15.77
C VAL A 357 -21.52 -7.73 16.88
N TRP A 358 -21.47 -7.12 18.05
CA TRP A 358 -20.68 -7.69 19.15
C TRP A 358 -21.23 -9.05 19.60
N MET B 21 -12.66 -22.49 -5.73
CA MET B 21 -11.23 -22.77 -5.83
C MET B 21 -10.48 -21.65 -6.59
N LEU B 22 -10.05 -21.94 -7.83
CA LEU B 22 -9.45 -20.92 -8.70
C LEU B 22 -10.51 -19.90 -9.13
N PHE B 23 -10.09 -18.70 -9.56
CA PHE B 23 -11.06 -17.72 -10.07
C PHE B 23 -11.77 -18.28 -11.32
N GLN B 24 -13.11 -18.19 -11.32
CA GLN B 24 -13.95 -18.78 -12.34
C GLN B 24 -14.48 -17.76 -13.35
N ASN B 25 -14.62 -16.51 -12.91
CA ASN B 25 -15.38 -15.52 -13.68
C ASN B 25 -14.62 -14.20 -13.80
N VAL B 26 -13.30 -14.28 -13.94
CA VAL B 26 -12.46 -13.10 -14.02
C VAL B 26 -11.65 -13.08 -15.32
N SER B 27 -11.72 -11.96 -16.04
CA SER B 27 -11.02 -11.78 -17.29
C SER B 27 -10.15 -10.52 -17.30
N ILE B 28 -9.21 -10.48 -18.25
CA ILE B 28 -8.41 -9.29 -18.47
C ILE B 28 -9.00 -8.55 -19.66
N ALA B 29 -9.72 -7.47 -19.37
CA ALA B 29 -10.46 -6.74 -20.41
C ALA B 29 -9.57 -5.85 -21.29
N GLY B 30 -8.50 -5.32 -20.69
CA GLY B 30 -7.62 -4.37 -21.36
C GLY B 30 -6.26 -4.33 -20.67
N LEU B 31 -5.24 -3.90 -21.39
CA LEU B 31 -3.86 -3.87 -20.87
C LEU B 31 -3.00 -2.87 -21.65
N ALA B 32 -2.06 -2.20 -20.98
CA ALA B 32 -1.19 -1.22 -21.64
C ALA B 32 0.12 -0.99 -20.88
N HIS B 33 1.14 -0.49 -21.58
CA HIS B 33 2.40 -0.11 -20.92
C HIS B 33 2.91 1.20 -21.48
N ILE B 34 3.78 1.87 -20.73
CA ILE B 34 4.47 3.07 -21.16
C ILE B 34 5.97 2.82 -21.01
N ASP B 35 6.73 2.98 -22.09
CA ASP B 35 8.17 2.94 -22.00
C ASP B 35 8.61 4.38 -21.76
N ALA B 36 9.48 4.60 -20.78
CA ALA B 36 10.00 5.94 -20.54
C ALA B 36 10.90 6.44 -21.69
N PRO B 37 10.92 7.76 -21.94
CA PRO B 37 11.49 8.34 -23.19
C PRO B 37 13.00 8.45 -23.33
N HIS B 38 13.75 8.59 -22.23
CA HIS B 38 15.18 8.85 -22.32
C HIS B 38 16.03 7.61 -22.02
N THR B 39 16.98 7.32 -22.89
CA THR B 39 17.87 6.19 -22.71
C THR B 39 19.15 6.60 -21.95
N LEU B 40 19.48 5.82 -20.92
CA LEU B 40 20.78 5.97 -20.25
C LEU B 40 21.50 4.64 -20.45
N THR B 41 22.53 4.63 -21.29
CA THR B 41 23.24 3.39 -21.50
C THR B 41 24.22 3.11 -20.37
N SER B 42 24.50 1.83 -20.18
CA SER B 42 25.55 1.42 -19.28
C SER B 42 26.93 1.95 -19.73
N LYS B 43 27.14 2.07 -21.05
CA LYS B 43 28.41 2.62 -21.55
C LYS B 43 28.59 4.04 -21.02
N GLU B 44 27.51 4.81 -21.07
CA GLU B 44 27.47 6.20 -20.62
C GLU B 44 27.70 6.31 -19.09
N ILE B 45 27.04 5.43 -18.33
CA ILE B 45 27.27 5.35 -16.90
C ILE B 45 28.74 5.03 -16.57
N ASN B 46 29.30 4.04 -17.27
CA ASN B 46 30.68 3.60 -17.02
C ASN B 46 31.74 4.68 -17.27
N GLU B 47 31.47 5.53 -18.25
CA GLU B 47 32.36 6.65 -18.52
C GLU B 47 32.35 7.58 -17.32
N ARG B 48 31.20 7.70 -16.69
CA ARG B 48 31.09 8.56 -15.54
C ARG B 48 31.76 7.91 -14.33
N LEU B 49 31.59 6.59 -14.21
CA LEU B 49 32.17 5.88 -13.07
C LEU B 49 33.67 5.66 -13.23
N GLN B 50 34.16 5.83 -14.45
CA GLN B 50 35.52 5.38 -14.81
C GLN B 50 36.63 5.83 -13.86
N PRO B 51 36.70 7.14 -13.54
CA PRO B 51 37.77 7.49 -12.59
C PRO B 51 37.61 6.80 -11.23
N THR B 52 36.37 6.57 -10.80
CA THR B 52 36.17 5.78 -9.59
C THR B 52 36.65 4.34 -9.81
N TYR B 53 36.43 3.82 -11.01
CA TYR B 53 36.89 2.48 -11.39
C TYR B 53 38.40 2.37 -11.36
N ASP B 54 39.09 3.39 -11.87
CA ASP B 54 40.56 3.39 -11.96
C ASP B 54 41.25 3.47 -10.58
N ARG B 55 40.75 4.35 -9.71
CA ARG B 55 40.94 4.19 -8.26
C ARG B 55 40.22 2.88 -7.94
N LEU B 56 40.48 2.24 -6.81
CA LEU B 56 39.79 0.97 -6.49
C LEU B 56 40.19 -0.21 -7.40
N GLY B 57 40.70 0.09 -8.59
CA GLY B 57 41.28 -0.92 -9.47
C GLY B 57 40.28 -1.92 -10.03
N ILE B 58 39.08 -1.44 -10.33
CA ILE B 58 38.04 -2.28 -10.92
C ILE B 58 38.22 -2.31 -12.45
N LYS B 59 38.37 -3.51 -13.02
CA LYS B 59 38.61 -3.66 -14.46
C LYS B 59 37.50 -4.45 -15.17
N THR B 60 36.37 -4.64 -14.49
CA THR B 60 35.25 -5.42 -14.97
C THR B 60 34.10 -4.46 -15.24
N ASP B 61 33.36 -4.72 -16.30
CA ASP B 61 32.10 -4.02 -16.56
C ASP B 61 30.93 -4.88 -16.06
N VAL B 62 30.64 -4.77 -14.77
CA VAL B 62 29.61 -5.59 -14.12
CA VAL B 62 29.62 -5.64 -14.17
C VAL B 62 28.24 -5.41 -14.75
N LEU B 63 27.90 -4.18 -15.10
CA LEU B 63 26.56 -3.91 -15.59
C LEU B 63 26.34 -4.58 -16.95
N GLY B 64 27.27 -4.38 -17.87
CA GLY B 64 27.08 -4.82 -19.25
C GLY B 64 27.43 -6.29 -19.40
N ASP B 65 28.59 -6.67 -18.86
CA ASP B 65 29.13 -8.01 -19.02
C ASP B 65 28.58 -9.06 -18.05
N VAL B 66 28.18 -8.65 -16.85
CA VAL B 66 27.70 -9.63 -15.85
C VAL B 66 26.17 -9.57 -15.63
N ALA B 67 25.64 -8.42 -15.21
CA ALA B 67 24.19 -8.27 -15.08
C ALA B 67 23.50 -8.37 -16.45
N GLY B 68 24.21 -8.01 -17.50
CA GLY B 68 23.62 -7.96 -18.83
C GLY B 68 22.52 -6.90 -18.94
N ILE B 69 22.73 -5.77 -18.26
N ILE B 69 22.71 -5.76 -18.29
CA ILE B 69 21.90 -4.59 -18.48
CA ILE B 69 21.83 -4.63 -18.52
C ILE B 69 22.69 -3.54 -19.27
C ILE B 69 22.60 -3.50 -19.24
N HIS B 70 22.28 -3.30 -20.51
CA HIS B 70 23.04 -2.39 -21.36
C HIS B 70 22.49 -0.97 -21.41
N ALA B 71 21.27 -0.81 -20.89
CA ALA B 71 20.56 0.45 -20.92
C ALA B 71 19.33 0.40 -20.01
N ARG B 72 18.85 1.57 -19.62
CA ARG B 72 17.53 1.67 -18.98
C ARG B 72 16.93 3.02 -19.35
N ARG B 73 15.64 3.18 -19.08
CA ARG B 73 14.93 4.38 -19.46
C ARG B 73 14.65 5.30 -18.25
N LEU B 74 14.78 6.61 -18.47
CA LEU B 74 14.40 7.63 -17.46
C LEU B 74 13.25 8.51 -17.98
N TRP B 75 12.48 9.10 -17.07
CA TRP B 75 11.41 10.02 -17.45
C TRP B 75 11.98 11.38 -17.70
N ASP B 76 11.16 12.26 -18.29
CA ASP B 76 11.41 13.69 -18.23
C ASP B 76 11.46 14.20 -16.78
N GLN B 77 11.98 15.42 -16.62
CA GLN B 77 12.06 16.01 -15.29
C GLN B 77 10.69 16.09 -14.61
N ASP B 78 10.63 15.68 -13.35
CA ASP B 78 9.43 15.86 -12.53
C ASP B 78 8.16 15.20 -13.09
N VAL B 79 8.32 14.00 -13.59
CA VAL B 79 7.20 13.13 -13.83
C VAL B 79 7.01 12.34 -12.54
N GLN B 80 5.81 12.39 -11.96
CA GLN B 80 5.54 11.67 -10.72
C GLN B 80 5.07 10.25 -11.01
N ALA B 81 5.11 9.38 -10.00
CA ALA B 81 4.54 8.04 -10.14
C ALA B 81 3.10 8.15 -10.67
N SER B 82 2.31 9.01 -10.03
CA SER B 82 0.91 9.19 -10.42
C SER B 82 0.74 9.59 -11.89
N ASP B 83 1.67 10.39 -12.43
CA ASP B 83 1.57 10.85 -13.84
C ASP B 83 1.77 9.66 -14.76
N ALA B 84 2.84 8.91 -14.49
CA ALA B 84 3.16 7.71 -15.25
C ALA B 84 2.00 6.72 -15.18
N ALA B 85 1.46 6.51 -13.98
CA ALA B 85 0.37 5.58 -13.81
C ALA B 85 -0.91 6.02 -14.58
N THR B 86 -1.18 7.33 -14.58
CA THR B 86 -2.36 7.89 -15.22
C THR B 86 -2.24 7.72 -16.74
N GLN B 87 -1.03 7.97 -17.25
CA GLN B 87 -0.71 7.72 -18.66
C GLN B 87 -1.05 6.30 -19.07
N ALA B 88 -0.58 5.31 -18.30
CA ALA B 88 -0.83 3.92 -18.62
C ALA B 88 -2.32 3.58 -18.52
N ALA B 89 -2.99 4.15 -17.52
CA ALA B 89 -4.38 3.86 -17.28
C ALA B 89 -5.23 4.33 -18.45
N ARG B 90 -4.94 5.50 -19.00
CA ARG B 90 -5.78 6.03 -20.08
C ARG B 90 -5.67 5.11 -21.30
N LYS B 91 -4.45 4.61 -21.53
CA LYS B 91 -4.19 3.64 -22.61
C LYS B 91 -4.90 2.31 -22.41
N ALA B 92 -4.95 1.86 -21.18
CA ALA B 92 -5.55 0.57 -20.84
C ALA B 92 -7.08 0.62 -20.97
N LEU B 93 -7.68 1.75 -20.56
CA LEU B 93 -9.12 1.99 -20.79
C LEU B 93 -9.44 1.97 -22.30
N ILE B 94 -8.60 2.62 -23.09
CA ILE B 94 -8.79 2.58 -24.56
CA ILE B 94 -8.81 2.58 -24.55
C ILE B 94 -8.72 1.14 -25.06
N ASP B 95 -7.69 0.41 -24.60
CA ASP B 95 -7.52 -0.99 -24.99
C ASP B 95 -8.73 -1.85 -24.65
N ALA B 96 -9.40 -1.54 -23.52
CA ALA B 96 -10.60 -2.27 -23.07
C ALA B 96 -11.93 -1.73 -23.64
N ASN B 97 -11.83 -0.60 -24.35
CA ASN B 97 -13.03 0.01 -24.92
C ASN B 97 -14.06 0.42 -23.86
N ILE B 98 -13.62 0.94 -22.73
CA ILE B 98 -14.60 1.40 -21.74
C ILE B 98 -14.23 2.81 -21.24
N GLY B 99 -15.24 3.56 -20.83
CA GLY B 99 -15.00 4.84 -20.22
C GLY B 99 -14.75 4.64 -18.73
N ILE B 100 -14.15 5.66 -18.11
CA ILE B 100 -13.75 5.60 -16.69
C ILE B 100 -14.98 5.39 -15.79
N GLU B 101 -16.15 5.80 -16.25
CA GLU B 101 -17.34 5.69 -15.41
C GLU B 101 -17.74 4.24 -15.10
N LYS B 102 -17.20 3.29 -15.83
CA LYS B 102 -17.49 1.88 -15.54
C LYS B 102 -16.59 1.27 -14.47
N ILE B 103 -15.53 1.99 -14.10
CA ILE B 103 -14.52 1.43 -13.17
C ILE B 103 -15.05 1.54 -11.75
N GLY B 104 -15.23 0.41 -11.08
CA GLY B 104 -15.72 0.45 -9.72
C GLY B 104 -14.60 0.33 -8.67
N LEU B 105 -13.38 0.03 -9.12
CA LEU B 105 -12.25 -0.20 -8.22
C LEU B 105 -10.96 0.22 -8.91
N LEU B 106 -10.12 1.04 -8.25
CA LEU B 106 -8.81 1.34 -8.85
C LEU B 106 -7.73 1.10 -7.79
N ILE B 107 -6.80 0.17 -8.07
CA ILE B 107 -5.69 -0.13 -7.16
C ILE B 107 -4.37 0.29 -7.80
N ASN B 108 -3.56 1.03 -7.03
CA ASN B 108 -2.22 1.41 -7.48
C ASN B 108 -1.22 0.53 -6.72
N THR B 109 -0.28 -0.07 -7.45
CA THR B 109 0.56 -1.13 -6.90
C THR B 109 2.04 -0.76 -6.96
N SER B 110 2.34 0.48 -7.29
CA SER B 110 3.73 0.87 -7.49
C SER B 110 4.57 0.94 -6.19
N VAL B 111 5.88 0.72 -6.33
CA VAL B 111 6.84 1.03 -5.29
C VAL B 111 6.99 2.52 -5.17
N SER B 112 7.20 3.20 -6.30
CA SER B 112 7.33 4.67 -6.28
C SER B 112 6.04 5.24 -5.73
N ARG B 113 6.13 6.31 -4.95
CA ARG B 113 4.90 6.95 -4.48
C ARG B 113 5.07 8.46 -4.29
N ASP B 114 4.04 9.20 -4.68
CA ASP B 114 4.06 10.64 -4.55
C ASP B 114 4.25 11.05 -3.05
N TYR B 115 3.42 10.46 -2.18
CA TYR B 115 3.31 10.89 -0.79
C TYR B 115 3.02 9.64 0.05
N LEU B 116 3.16 9.73 1.38
CA LEU B 116 2.60 8.75 2.29
C LEU B 116 1.07 8.84 2.40
N GLU B 117 0.55 10.07 2.34
CA GLU B 117 -0.90 10.33 2.35
C GLU B 117 -1.16 11.49 1.39
N PRO B 118 -2.19 11.37 0.50
CA PRO B 118 -3.14 10.26 0.36
C PRO B 118 -2.55 9.13 -0.49
N SER B 119 -3.35 8.10 -0.77
CA SER B 119 -2.97 7.06 -1.74
C SER B 119 -2.56 7.69 -3.08
N THR B 120 -1.55 7.12 -3.72
CA THR B 120 -1.25 7.46 -5.11
C THR B 120 -2.46 7.10 -5.99
N ALA B 121 -3.16 6.02 -5.65
CA ALA B 121 -4.43 5.69 -6.36
C ALA B 121 -5.48 6.80 -6.40
N SER B 122 -5.60 7.60 -5.32
CA SER B 122 -6.61 8.65 -5.27
C SER B 122 -6.22 9.79 -6.24
N ILE B 123 -4.92 9.97 -6.40
CA ILE B 123 -4.38 11.00 -7.26
C ILE B 123 -4.60 10.60 -8.70
N VAL B 124 -4.25 9.36 -9.04
CA VAL B 124 -4.52 8.85 -10.38
C VAL B 124 -6.03 8.94 -10.66
N SER B 125 -6.85 8.62 -9.66
CA SER B 125 -8.32 8.54 -9.82
C SER B 125 -8.90 9.90 -10.10
N GLY B 126 -8.41 10.88 -9.36
CA GLY B 126 -8.70 12.30 -9.59
C GLY B 126 -8.33 12.76 -10.98
N ASN B 127 -7.13 12.40 -11.42
CA ASN B 127 -6.70 12.68 -12.80
C ASN B 127 -7.67 12.09 -13.83
N LEU B 128 -8.13 10.87 -13.57
CA LEU B 128 -8.96 10.12 -14.54
C LEU B 128 -10.42 10.56 -14.50
N GLY B 129 -10.86 11.04 -13.35
CA GLY B 129 -12.26 11.40 -13.19
C GLY B 129 -13.18 10.24 -12.82
N VAL B 130 -12.73 9.36 -11.94
CA VAL B 130 -13.57 8.28 -11.45
C VAL B 130 -14.81 8.81 -10.73
N SER B 131 -15.82 7.96 -10.62
CA SER B 131 -17.11 8.35 -10.05
C SER B 131 -17.07 8.26 -8.54
N ASP B 132 -18.07 8.87 -7.89
CA ASP B 132 -18.14 8.85 -6.42
C ASP B 132 -18.44 7.46 -5.82
N HIS B 133 -18.71 6.46 -6.66
CA HIS B 133 -18.85 5.08 -6.20
C HIS B 133 -17.52 4.29 -6.26
N CYS B 134 -16.49 4.89 -6.85
CA CYS B 134 -15.30 4.11 -7.16
C CYS B 134 -14.41 3.96 -5.93
N MET B 135 -14.13 2.71 -5.55
CA MET B 135 -13.25 2.41 -4.38
C MET B 135 -11.80 2.45 -4.81
N THR B 136 -10.93 3.17 -4.08
CA THR B 136 -9.52 3.24 -4.51
C THR B 136 -8.58 3.09 -3.30
N PHE B 137 -7.38 2.54 -3.52
CA PHE B 137 -6.34 2.46 -2.45
C PHE B 137 -5.07 1.91 -3.08
N ASP B 138 -3.96 1.94 -2.34
CA ASP B 138 -2.67 1.40 -2.82
C ASP B 138 -2.40 0.04 -2.23
N VAL B 139 -1.69 -0.80 -2.97
CA VAL B 139 -1.11 -2.02 -2.40
C VAL B 139 0.40 -1.86 -2.58
N ALA B 140 1.18 -2.08 -1.51
CA ALA B 140 2.61 -2.00 -1.68
C ALA B 140 3.21 -3.32 -1.28
N ASN B 141 4.01 -3.91 -2.16
CA ASN B 141 4.65 -5.18 -1.86
C ASN B 141 5.89 -5.40 -2.76
N ALA B 142 6.77 -4.40 -2.83
CA ALA B 142 7.93 -4.49 -3.73
C ALA B 142 7.49 -4.93 -5.12
N ALA B 143 8.28 -5.77 -5.80
CA ALA B 143 7.96 -6.11 -7.21
C ALA B 143 6.82 -7.13 -7.35
N LEU B 144 6.20 -7.56 -6.25
CA LEU B 144 5.08 -8.49 -6.36
C LEU B 144 3.71 -7.82 -6.45
N ALA B 145 3.62 -6.54 -6.09
CA ALA B 145 2.31 -5.94 -5.80
C ALA B 145 1.30 -5.93 -6.95
N PHE B 146 1.75 -5.98 -8.21
CA PHE B 146 0.76 -5.95 -9.30
C PHE B 146 -0.09 -7.23 -9.26
N ILE B 147 0.55 -8.37 -9.03
CA ILE B 147 -0.16 -9.64 -8.94
C ILE B 147 -1.04 -9.67 -7.67
N ASN B 148 -0.53 -9.14 -6.55
CA ASN B 148 -1.38 -8.96 -5.37
C ASN B 148 -2.65 -8.13 -5.71
N GLY B 149 -2.47 -6.98 -6.37
CA GLY B 149 -3.58 -6.12 -6.80
C GLY B 149 -4.61 -6.80 -7.71
N MET B 150 -4.09 -7.58 -8.68
CA MET B 150 -4.93 -8.45 -9.52
C MET B 150 -5.82 -9.41 -8.73
N ASP B 151 -5.25 -10.10 -7.74
CA ASP B 151 -5.99 -11.06 -6.93
C ASP B 151 -7.02 -10.37 -6.03
N ILE B 152 -6.69 -9.18 -5.54
CA ILE B 152 -7.64 -8.44 -4.70
C ILE B 152 -8.83 -8.02 -5.56
N ALA B 153 -8.55 -7.52 -6.75
CA ALA B 153 -9.58 -7.14 -7.71
C ALA B 153 -10.41 -8.35 -8.12
N ALA B 154 -9.73 -9.47 -8.40
CA ALA B 154 -10.42 -10.71 -8.79
C ALA B 154 -11.46 -11.14 -7.77
N ARG B 155 -11.12 -11.06 -6.47
CA ARG B 155 -12.06 -11.48 -5.43
C ARG B 155 -13.32 -10.60 -5.38
N MET B 156 -13.13 -9.30 -5.56
CA MET B 156 -14.27 -8.37 -5.67
C MET B 156 -15.16 -8.60 -6.91
N LEU B 157 -14.52 -8.83 -8.06
CA LEU B 157 -15.26 -9.14 -9.29
C LEU B 157 -16.08 -10.43 -9.12
N GLU B 158 -15.44 -11.49 -8.64
CA GLU B 158 -16.10 -12.78 -8.45
C GLU B 158 -17.32 -12.69 -7.54
N ARG B 159 -17.25 -11.77 -6.58
CA ARG B 159 -18.23 -11.66 -5.51
C ARG B 159 -19.38 -10.74 -5.91
N GLY B 160 -19.25 -10.09 -7.06
CA GLY B 160 -20.33 -9.26 -7.59
C GLY B 160 -20.34 -7.81 -7.11
N GLU B 161 -19.26 -7.39 -6.47
CA GLU B 161 -19.17 -6.05 -5.91
C GLU B 161 -18.96 -5.00 -6.96
N ILE B 162 -18.31 -5.39 -8.07
CA ILE B 162 -17.96 -4.49 -9.16
C ILE B 162 -17.99 -5.27 -10.48
N ASP B 163 -17.96 -4.52 -11.57
CA ASP B 163 -17.93 -5.07 -12.94
C ASP B 163 -16.55 -4.92 -13.58
N TYR B 164 -15.89 -3.78 -13.33
CA TYR B 164 -14.58 -3.50 -13.92
C TYR B 164 -13.63 -2.90 -12.86
N ALA B 165 -12.35 -3.28 -12.91
CA ALA B 165 -11.31 -2.76 -12.00
C ALA B 165 -10.13 -2.27 -12.82
N LEU B 166 -9.50 -1.17 -12.39
CA LEU B 166 -8.18 -0.78 -12.92
C LEU B 166 -7.09 -1.15 -11.93
N VAL B 167 -6.00 -1.75 -12.42
CA VAL B 167 -4.81 -1.97 -11.61
C VAL B 167 -3.66 -1.20 -12.32
N VAL B 168 -3.03 -0.24 -11.62
CA VAL B 168 -2.10 0.71 -12.25
C VAL B 168 -0.76 0.77 -11.51
N ASP B 169 0.29 1.15 -12.24
CA ASP B 169 1.63 1.10 -11.67
C ASP B 169 2.58 1.93 -12.49
N GLY B 170 3.07 3.04 -11.91
CA GLY B 170 4.12 3.83 -12.55
C GLY B 170 5.34 3.84 -11.66
N GLU B 171 6.53 3.60 -12.22
CA GLU B 171 7.79 3.60 -11.46
C GLU B 171 8.73 4.72 -11.93
N THR B 172 9.32 5.43 -10.98
CA THR B 172 10.30 6.46 -11.31
CA THR B 172 10.33 6.40 -11.37
C THR B 172 11.64 6.19 -10.62
N ALA B 173 12.72 6.07 -11.40
CA ALA B 173 14.06 5.86 -10.87
C ALA B 173 14.98 7.04 -11.13
N ASN B 174 14.44 8.17 -11.59
CA ASN B 174 15.30 9.30 -11.96
C ASN B 174 16.15 9.72 -10.77
N LEU B 175 15.48 9.89 -9.63
CA LEU B 175 16.15 10.41 -8.47
C LEU B 175 17.23 9.43 -7.97
N VAL B 176 16.87 8.14 -7.95
CA VAL B 176 17.86 7.16 -7.48
C VAL B 176 19.12 7.18 -8.34
N TYR B 177 18.97 7.39 -9.66
CA TYR B 177 20.16 7.47 -10.50
C TYR B 177 21.00 8.72 -10.20
N GLU B 178 20.30 9.84 -9.99
CA GLU B 178 20.98 11.12 -9.80
C GLU B 178 21.83 11.04 -8.54
N LYS B 179 21.18 10.59 -7.47
CA LYS B 179 21.79 10.50 -6.15
C LYS B 179 22.88 9.43 -6.08
N THR B 180 22.62 8.26 -6.69
CA THR B 180 23.58 7.14 -6.60
C THR B 180 24.88 7.42 -7.38
N LEU B 181 24.74 7.99 -8.57
CA LEU B 181 25.88 8.37 -9.38
C LEU B 181 26.67 9.51 -8.72
N GLU B 182 25.98 10.40 -7.99
CA GLU B 182 26.68 11.38 -7.14
C GLU B 182 27.58 10.69 -6.11
N ARG B 183 27.01 9.79 -5.31
CA ARG B 183 27.78 9.07 -4.30
C ARG B 183 28.95 8.30 -4.90
N MET B 184 28.70 7.58 -6.00
N MET B 184 28.72 7.58 -5.99
CA MET B 184 29.70 6.73 -6.62
CA MET B 184 29.76 6.73 -6.56
C MET B 184 30.85 7.49 -7.29
C MET B 184 30.87 7.49 -7.30
N THR B 185 30.67 8.78 -7.53
CA THR B 185 31.71 9.59 -8.15
C THR B 185 32.44 10.46 -7.12
N SER B 186 31.98 10.38 -5.87
CA SER B 186 32.64 11.07 -4.77
C SER B 186 34.09 10.67 -4.66
N PRO B 187 34.96 11.59 -4.22
CA PRO B 187 36.34 11.13 -4.13
C PRO B 187 36.53 10.17 -2.94
N ASP B 188 35.59 10.16 -2.01
CA ASP B 188 35.69 9.30 -0.84
C ASP B 188 35.17 7.86 -1.00
N VAL B 189 34.32 7.60 -2.01
CA VAL B 189 33.68 6.27 -2.11
C VAL B 189 34.62 5.10 -2.05
N THR B 190 34.21 4.12 -1.26
CA THR B 190 34.95 2.89 -1.08
C THR B 190 34.28 1.83 -1.95
N GLU B 191 35.00 0.74 -2.20
CA GLU B 191 34.49 -0.34 -3.06
C GLU B 191 33.28 -1.07 -2.47
N GLU B 192 33.24 -1.22 -1.15
CA GLU B 192 32.09 -1.84 -0.52
C GLU B 192 30.81 -1.00 -0.66
N GLU B 193 30.96 0.32 -0.59
CA GLU B 193 29.81 1.23 -0.76
C GLU B 193 29.30 1.07 -2.19
N PHE B 194 30.25 1.01 -3.13
CA PHE B 194 29.89 0.82 -4.54
C PHE B 194 29.09 -0.46 -4.76
N ARG B 195 29.61 -1.58 -4.25
CA ARG B 195 28.96 -2.87 -4.44
C ARG B 195 27.56 -2.94 -3.86
N ASN B 196 27.36 -2.34 -2.68
CA ASN B 196 26.01 -2.47 -2.13
C ASN B 196 25.01 -1.40 -2.64
N GLU B 197 25.42 -0.56 -3.58
CA GLU B 197 24.44 0.29 -4.26
C GLU B 197 24.33 -0.03 -5.75
N LEU B 198 25.19 -0.93 -6.22
CA LEU B 198 25.22 -1.30 -7.63
C LEU B 198 23.85 -1.71 -8.19
N ALA B 199 23.08 -2.49 -7.43
CA ALA B 199 21.75 -2.92 -7.90
C ALA B 199 20.82 -1.75 -8.23
N ALA B 200 21.03 -0.61 -7.58
CA ALA B 200 20.21 0.57 -7.92
C ALA B 200 20.42 0.94 -9.41
N LEU B 201 21.63 0.68 -9.91
CA LEU B 201 21.98 0.93 -11.33
C LEU B 201 21.42 -0.09 -12.31
N THR B 202 20.60 -1.00 -11.82
CA THR B 202 19.86 -1.93 -12.71
C THR B 202 18.38 -1.60 -12.76
N LEU B 203 17.94 -0.59 -12.00
CA LEU B 203 16.52 -0.20 -12.04
C LEU B 203 16.18 0.64 -13.27
N GLY B 204 14.89 0.67 -13.65
CA GLY B 204 14.45 1.43 -14.80
C GLY B 204 13.07 2.01 -14.61
N CYS B 205 12.75 3.08 -15.35
CA CYS B 205 11.41 3.68 -15.32
C CYS B 205 10.48 2.97 -16.32
N GLY B 206 9.20 2.97 -16.02
CA GLY B 206 8.17 2.57 -16.99
C GLY B 206 6.83 2.50 -16.28
N ALA B 207 5.76 2.14 -16.98
CA ALA B 207 4.46 2.03 -16.31
C ALA B 207 3.55 1.03 -17.01
N ALA B 208 2.55 0.53 -16.30
CA ALA B 208 1.62 -0.45 -16.85
C ALA B 208 0.24 -0.28 -16.20
N ALA B 209 -0.80 -0.65 -16.93
CA ALA B 209 -2.12 -0.66 -16.31
C ALA B 209 -2.93 -1.79 -16.94
N MET B 210 -3.81 -2.37 -16.13
CA MET B 210 -4.67 -3.47 -16.57
C MET B 210 -6.15 -3.20 -16.20
N VAL B 211 -7.05 -3.44 -17.14
CA VAL B 211 -8.47 -3.47 -16.79
C VAL B 211 -8.90 -4.91 -16.62
N MET B 212 -9.44 -5.23 -15.44
CA MET B 212 -10.00 -6.56 -15.19
C MET B 212 -11.55 -6.49 -15.15
N ALA B 213 -12.22 -7.57 -15.53
CA ALA B 213 -13.70 -7.55 -15.62
C ALA B 213 -14.32 -8.89 -15.27
N ARG B 214 -15.62 -8.88 -14.98
CA ARG B 214 -16.42 -10.10 -14.87
C ARG B 214 -16.53 -10.69 -16.27
N SER B 215 -16.34 -12.01 -16.39
CA SER B 215 -16.19 -12.66 -17.68
C SER B 215 -17.45 -12.56 -18.57
N GLU B 216 -18.63 -12.50 -17.95
CA GLU B 216 -19.86 -12.51 -18.76
C GLU B 216 -19.97 -11.22 -19.59
N LEU B 217 -19.20 -10.21 -19.17
CA LEU B 217 -19.14 -8.92 -19.83
C LEU B 217 -18.19 -8.93 -21.03
N VAL B 218 -17.21 -9.84 -21.04
CA VAL B 218 -16.12 -9.81 -22.03
C VAL B 218 -15.71 -11.24 -22.43
N PRO B 219 -16.60 -11.96 -23.14
CA PRO B 219 -16.43 -13.38 -23.45
C PRO B 219 -15.16 -13.77 -24.24
N ASP B 220 -14.61 -12.88 -25.08
CA ASP B 220 -13.42 -13.27 -25.84
C ASP B 220 -12.11 -12.92 -25.12
N ALA B 221 -12.22 -12.30 -23.96
CA ALA B 221 -11.04 -11.79 -23.25
C ALA B 221 -10.28 -12.91 -22.51
N PRO B 222 -8.96 -12.74 -22.30
CA PRO B 222 -8.20 -13.77 -21.59
C PRO B 222 -8.79 -13.97 -20.20
N ARG B 223 -8.75 -15.21 -19.70
CA ARG B 223 -9.25 -15.49 -18.36
C ARG B 223 -8.07 -15.49 -17.39
N TYR B 224 -8.29 -14.91 -16.21
CA TYR B 224 -7.28 -14.95 -15.14
C TYR B 224 -7.73 -15.96 -14.07
N LYS B 225 -6.91 -16.97 -13.83
CA LYS B 225 -7.33 -18.06 -12.95
C LYS B 225 -6.83 -17.89 -11.51
N GLY B 226 -5.87 -17.01 -11.30
CA GLY B 226 -5.24 -16.85 -10.00
C GLY B 226 -4.11 -17.86 -9.84
N GLY B 227 -3.63 -18.03 -8.62
CA GLY B 227 -2.61 -19.03 -8.40
C GLY B 227 -2.23 -19.21 -6.95
N VAL B 228 -0.94 -19.37 -6.73
CA VAL B 228 -0.44 -19.80 -5.43
C VAL B 228 0.60 -18.78 -4.97
N THR B 229 0.74 -18.66 -3.66
CA THR B 229 1.63 -17.67 -3.08
C THR B 229 2.47 -18.28 -1.96
N ARG B 230 3.76 -17.98 -1.99
CA ARG B 230 4.64 -18.45 -0.92
C ARG B 230 5.52 -17.29 -0.45
N SER B 231 6.09 -17.42 0.73
CA SER B 231 6.84 -16.31 1.30
C SER B 231 8.12 -16.78 2.01
N ALA B 232 9.09 -15.87 2.07
CA ALA B 232 10.29 -16.11 2.86
C ALA B 232 10.66 -14.83 3.61
N THR B 233 9.80 -14.43 4.54
CA THR B 233 9.86 -13.08 5.12
C THR B 233 11.05 -12.90 6.09
N GLU B 234 11.77 -13.98 6.38
CA GLU B 234 13.02 -13.86 7.15
C GLU B 234 14.11 -13.06 6.39
N TRP B 235 13.89 -12.86 5.09
CA TRP B 235 14.86 -12.21 4.23
C TRP B 235 14.50 -10.75 3.91
N ASN B 236 13.77 -10.11 4.82
CA ASN B 236 13.27 -8.76 4.54
C ASN B 236 14.34 -7.65 4.50
N LYS B 237 15.52 -7.90 5.08
CA LYS B 237 16.60 -6.90 5.08
C LYS B 237 17.41 -6.83 3.76
N LEU B 238 17.22 -7.81 2.89
CA LEU B 238 18.18 -7.99 1.78
C LEU B 238 18.10 -6.92 0.68
N CYS B 239 16.97 -6.24 0.55
CA CYS B 239 16.88 -5.15 -0.42
C CYS B 239 16.00 -4.02 0.07
N ARG B 240 16.61 -2.86 0.37
CA ARG B 240 15.90 -1.75 0.98
C ARG B 240 15.98 -0.49 0.14
N GLY B 241 14.81 0.05 -0.22
CA GLY B 241 14.75 1.11 -1.23
C GLY B 241 13.85 2.26 -0.85
N ASN B 242 14.37 3.48 -1.04
CA ASN B 242 13.57 4.72 -1.04
C ASN B 242 13.79 5.46 -2.35
N LEU B 243 13.19 6.64 -2.51
CA LEU B 243 13.32 7.40 -3.78
C LEU B 243 14.75 7.73 -4.21
N ASP B 244 15.65 7.89 -3.24
CA ASP B 244 16.99 8.40 -3.52
C ASP B 244 18.08 7.37 -3.33
N ARG B 245 17.73 6.13 -2.93
CA ARG B 245 18.76 5.17 -2.54
C ARG B 245 18.20 3.74 -2.44
N MET B 246 18.95 2.78 -2.95
CA MET B 246 18.63 1.37 -2.79
C MET B 246 19.87 0.59 -2.40
N VAL B 247 19.79 -0.06 -1.25
CA VAL B 247 20.89 -0.89 -0.78
C VAL B 247 20.52 -2.37 -0.89
N THR B 248 21.42 -3.16 -1.49
CA THR B 248 21.10 -4.54 -1.86
C THR B 248 22.27 -5.51 -1.65
N ASP B 249 22.00 -6.59 -0.91
N ASP B 249 22.01 -6.59 -0.92
CA ASP B 249 22.93 -7.70 -0.80
CA ASP B 249 22.94 -7.72 -0.80
C ASP B 249 22.73 -8.64 -2.00
C ASP B 249 22.72 -8.64 -2.01
N THR B 250 23.35 -8.27 -3.13
CA THR B 250 23.13 -8.97 -4.40
C THR B 250 23.33 -10.49 -4.40
N ARG B 251 24.38 -10.95 -3.73
CA ARG B 251 24.71 -12.36 -3.76
C ARG B 251 23.66 -13.22 -3.04
N LEU B 252 23.37 -12.92 -1.77
CA LEU B 252 22.41 -13.69 -0.98
C LEU B 252 21.01 -13.57 -1.58
N LEU B 253 20.68 -12.37 -2.04
CA LEU B 253 19.36 -12.12 -2.64
C LEU B 253 19.11 -13.03 -3.82
N LEU B 254 20.10 -13.19 -4.70
CA LEU B 254 19.95 -14.07 -5.85
C LEU B 254 19.74 -15.51 -5.40
N ILE B 255 20.54 -15.94 -4.43
CA ILE B 255 20.48 -17.29 -3.90
C ILE B 255 19.13 -17.64 -3.22
N GLU B 256 18.71 -16.83 -2.25
CA GLU B 256 17.42 -17.03 -1.58
C GLU B 256 16.19 -16.73 -2.46
N GLY B 257 16.33 -15.77 -3.38
CA GLY B 257 15.24 -15.44 -4.28
C GLY B 257 14.88 -16.64 -5.13
N ILE B 258 15.90 -17.29 -5.69
CA ILE B 258 15.65 -18.45 -6.54
C ILE B 258 15.21 -19.68 -5.74
N LYS B 259 15.68 -19.81 -4.49
CA LYS B 259 15.19 -20.82 -3.55
C LYS B 259 13.65 -20.72 -3.39
N LEU B 260 13.13 -19.51 -3.16
CA LEU B 260 11.70 -19.32 -2.95
C LEU B 260 10.93 -19.49 -4.28
N ALA B 261 11.48 -18.91 -5.35
CA ALA B 261 10.91 -19.06 -6.69
C ALA B 261 10.74 -20.55 -7.03
N GLN B 262 11.77 -21.34 -6.75
CA GLN B 262 11.74 -22.80 -6.90
C GLN B 262 10.65 -23.50 -6.05
N LYS B 263 10.55 -23.15 -4.78
CA LYS B 263 9.45 -23.62 -3.93
C LYS B 263 8.03 -23.21 -4.41
N THR B 264 7.87 -21.99 -4.91
CA THR B 264 6.52 -21.56 -5.34
C THR B 264 6.15 -22.30 -6.62
N PHE B 265 7.16 -22.62 -7.43
CA PHE B 265 6.91 -23.30 -8.71
C PHE B 265 6.50 -24.74 -8.47
N VAL B 266 7.03 -25.31 -7.40
CA VAL B 266 6.67 -26.67 -7.03
C VAL B 266 5.23 -26.68 -6.54
N ALA B 267 4.87 -25.68 -5.75
CA ALA B 267 3.49 -25.54 -5.29
C ALA B 267 2.55 -25.33 -6.48
N ALA B 268 3.02 -24.56 -7.47
CA ALA B 268 2.23 -24.30 -8.68
C ALA B 268 1.99 -25.58 -9.48
N LYS B 269 3.02 -26.43 -9.58
CA LYS B 269 2.89 -27.71 -10.28
C LYS B 269 1.76 -28.53 -9.68
N GLN B 270 1.59 -28.43 -8.36
CA GLN B 270 0.56 -29.16 -7.64
C GLN B 270 -0.86 -28.60 -7.82
N VAL B 271 -1.04 -27.29 -7.60
CA VAL B 271 -2.40 -26.74 -7.57
C VAL B 271 -2.94 -26.19 -8.90
N LEU B 272 -2.04 -25.80 -9.80
CA LEU B 272 -2.46 -25.38 -11.13
C LEU B 272 -2.26 -26.52 -12.14
N GLY B 273 -1.65 -27.62 -11.68
CA GLY B 273 -1.35 -28.76 -12.53
C GLY B 273 -0.24 -28.52 -13.53
N TRP B 274 0.57 -27.50 -13.30
CA TRP B 274 1.60 -27.10 -14.26
C TRP B 274 2.66 -28.17 -14.52
N ALA B 275 3.00 -28.34 -15.79
CA ALA B 275 4.23 -29.02 -16.20
C ALA B 275 4.85 -28.15 -17.28
N VAL B 276 6.18 -28.07 -17.29
CA VAL B 276 6.90 -27.05 -18.08
C VAL B 276 6.55 -27.04 -19.59
N GLU B 277 6.54 -28.22 -20.23
CA GLU B 277 6.31 -28.31 -21.66
C GLU B 277 4.88 -27.93 -22.07
N GLU B 278 4.01 -27.76 -21.08
CA GLU B 278 2.61 -27.44 -21.31
C GLU B 278 2.25 -25.96 -21.14
N LEU B 279 3.25 -25.14 -20.84
CA LEU B 279 3.06 -23.70 -20.74
C LEU B 279 3.70 -23.03 -21.97
N ASP B 280 3.02 -22.02 -22.51
CA ASP B 280 3.43 -21.42 -23.77
C ASP B 280 4.30 -20.16 -23.58
N GLN B 281 4.06 -19.43 -22.50
CA GLN B 281 4.91 -18.30 -22.17
C GLN B 281 5.16 -18.32 -20.69
N PHE B 282 6.35 -17.86 -20.32
CA PHE B 282 6.65 -17.52 -18.94
C PHE B 282 6.89 -16.02 -18.88
N VAL B 283 6.06 -15.34 -18.10
CA VAL B 283 6.18 -13.90 -17.92
C VAL B 283 6.74 -13.71 -16.50
N ILE B 284 8.04 -13.42 -16.42
CA ILE B 284 8.72 -13.41 -15.13
C ILE B 284 9.20 -12.01 -14.74
N HIS B 285 9.48 -11.82 -13.46
CA HIS B 285 10.04 -10.57 -13.00
C HIS B 285 11.41 -10.32 -13.66
N GLN B 286 11.69 -9.07 -14.02
CA GLN B 286 12.86 -8.76 -14.84
C GLN B 286 14.00 -8.23 -13.97
N VAL B 287 14.96 -9.10 -13.66
CA VAL B 287 16.00 -8.76 -12.67
C VAL B 287 17.40 -8.63 -13.26
N SER B 288 17.87 -9.69 -13.90
CA SER B 288 19.22 -9.72 -14.45
C SER B 288 19.42 -10.98 -15.29
N ARG B 289 20.46 -10.96 -16.09
CA ARG B 289 20.81 -12.15 -16.85
C ARG B 289 21.10 -13.36 -15.92
N PRO B 290 22.01 -13.22 -14.93
CA PRO B 290 22.24 -14.43 -14.12
C PRO B 290 21.01 -14.90 -13.29
N HIS B 291 20.20 -13.99 -12.76
CA HIS B 291 18.97 -14.39 -12.07
C HIS B 291 18.09 -15.20 -13.01
N THR B 292 17.83 -14.64 -14.18
CA THR B 292 17.02 -15.32 -15.18
C THR B 292 17.59 -16.71 -15.53
N ALA B 293 18.88 -16.75 -15.88
CA ALA B 293 19.53 -18.00 -16.27
C ALA B 293 19.43 -19.06 -15.18
N ALA B 294 19.70 -18.64 -13.95
CA ALA B 294 19.60 -19.55 -12.81
C ALA B 294 18.20 -20.13 -12.65
N PHE B 295 17.16 -19.32 -12.86
CA PHE B 295 15.82 -19.82 -12.67
C PHE B 295 15.40 -20.77 -13.80
N VAL B 296 15.71 -20.35 -15.02
CA VAL B 296 15.32 -21.13 -16.19
C VAL B 296 15.98 -22.53 -16.22
N LYS B 297 17.20 -22.64 -15.72
CA LYS B 297 17.86 -23.96 -15.73
C LYS B 297 17.36 -24.88 -14.61
N SER B 298 16.77 -24.30 -13.56
CA SER B 298 16.18 -25.07 -12.45
C SER B 298 15.09 -25.99 -12.95
N PHE B 299 14.31 -25.51 -13.91
CA PHE B 299 13.17 -26.25 -14.40
C PHE B 299 13.26 -26.58 -15.89
N GLY B 300 14.44 -26.40 -16.47
CA GLY B 300 14.67 -26.71 -17.87
C GLY B 300 13.67 -26.04 -18.80
N ILE B 301 13.30 -24.80 -18.47
CA ILE B 301 12.38 -24.01 -19.27
C ILE B 301 13.11 -23.54 -20.53
N ASP B 302 12.42 -23.55 -21.67
CA ASP B 302 12.98 -23.04 -22.92
C ASP B 302 13.13 -21.50 -22.82
N PRO B 303 14.38 -20.99 -22.90
CA PRO B 303 14.59 -19.54 -22.78
C PRO B 303 13.86 -18.75 -23.87
N ALA B 304 13.62 -19.41 -25.01
CA ALA B 304 12.81 -18.84 -26.06
C ALA B 304 11.36 -18.54 -25.63
N LYS B 305 10.87 -19.23 -24.58
CA LYS B 305 9.54 -18.94 -24.00
C LYS B 305 9.56 -17.90 -22.86
N VAL B 306 10.68 -17.22 -22.71
CA VAL B 306 10.79 -16.22 -21.64
C VAL B 306 11.24 -14.86 -22.19
N MET B 307 10.30 -13.97 -22.48
CA MET B 307 10.64 -12.66 -23.02
C MET B 307 11.42 -11.81 -22.01
N THR B 308 12.52 -11.19 -22.44
CA THR B 308 13.32 -10.36 -21.52
C THR B 308 13.47 -8.95 -22.08
N ILE B 309 13.28 -7.97 -21.21
CA ILE B 309 13.42 -6.57 -21.58
C ILE B 309 14.39 -5.84 -20.65
N PHE B 310 14.94 -6.54 -19.65
CA PHE B 310 15.91 -5.87 -18.78
C PHE B 310 17.19 -5.46 -19.53
N GLY B 311 17.52 -6.14 -20.62
CA GLY B 311 18.69 -5.75 -21.40
C GLY B 311 18.69 -4.27 -21.73
N GLU B 312 17.49 -3.74 -21.98
CA GLU B 312 17.32 -2.38 -22.48
C GLU B 312 16.46 -1.51 -21.54
N HIS B 313 15.75 -2.14 -20.62
CA HIS B 313 14.87 -1.37 -19.74
C HIS B 313 15.22 -1.48 -18.27
N GLY B 314 16.17 -2.36 -17.95
CA GLY B 314 16.45 -2.69 -16.55
C GLY B 314 15.27 -3.35 -15.82
N ASN B 315 15.28 -3.22 -14.49
CA ASN B 315 14.28 -3.77 -13.56
C ASN B 315 13.20 -2.69 -13.28
N ILE B 316 11.96 -2.91 -13.74
CA ILE B 316 10.90 -1.91 -13.57
C ILE B 316 9.98 -2.29 -12.39
N GLY B 317 10.52 -3.08 -11.47
CA GLY B 317 9.83 -3.43 -10.23
C GLY B 317 8.53 -4.17 -10.52
N PRO B 318 7.46 -3.85 -9.75
CA PRO B 318 6.19 -4.57 -9.89
C PRO B 318 5.53 -4.35 -11.24
N ALA B 319 5.88 -3.27 -11.94
CA ALA B 319 5.36 -3.12 -13.32
C ALA B 319 6.04 -4.03 -14.34
N SER B 320 7.18 -4.65 -13.99
CA SER B 320 7.91 -5.47 -15.00
C SER B 320 7.02 -6.55 -15.64
N VAL B 321 6.38 -7.37 -14.81
CA VAL B 321 5.51 -8.43 -15.32
C VAL B 321 4.38 -7.94 -16.27
N PRO B 322 3.56 -6.95 -15.84
CA PRO B 322 2.51 -6.54 -16.80
C PRO B 322 3.05 -5.77 -18.01
N ILE B 323 4.22 -5.12 -17.90
CA ILE B 323 4.83 -4.47 -19.07
C ILE B 323 5.20 -5.54 -20.10
N VAL B 324 5.80 -6.63 -19.64
CA VAL B 324 6.13 -7.74 -20.54
C VAL B 324 4.87 -8.33 -21.18
N LEU B 325 3.85 -8.60 -20.35
CA LEU B 325 2.58 -9.14 -20.83
C LEU B 325 1.98 -8.23 -21.92
N SER B 326 2.05 -6.91 -21.70
CA SER B 326 1.51 -5.94 -22.65
C SER B 326 2.30 -5.99 -23.97
N LYS B 327 3.63 -6.06 -23.87
CA LYS B 327 4.48 -6.14 -25.06
C LYS B 327 4.17 -7.40 -25.90
N LEU B 328 3.99 -8.53 -25.21
CA LEU B 328 3.55 -9.76 -25.88
C LEU B 328 2.21 -9.56 -26.55
N LYS B 329 1.28 -8.94 -25.84
CA LYS B 329 -0.02 -8.66 -26.44
C LYS B 329 0.10 -7.79 -27.69
N GLU B 330 0.91 -6.73 -27.61
CA GLU B 330 1.03 -5.82 -28.75
CA GLU B 330 1.10 -5.81 -28.74
C GLU B 330 1.79 -6.50 -29.90
N LEU B 331 2.70 -7.41 -29.56
CA LEU B 331 3.48 -8.11 -30.56
C LEU B 331 2.53 -8.91 -31.47
N GLY B 332 1.33 -9.18 -30.95
CA GLY B 332 0.34 -9.96 -31.69
C GLY B 332 0.74 -11.43 -31.73
N ARG B 333 1.69 -11.77 -30.87
CA ARG B 333 2.26 -13.11 -30.74
C ARG B 333 1.21 -14.18 -30.45
N LEU B 334 0.56 -14.00 -29.30
CA LEU B 334 -0.27 -14.98 -28.61
C LEU B 334 -1.53 -15.44 -29.36
N LYS B 335 -1.89 -16.69 -29.11
CA LYS B 335 -3.08 -17.31 -29.71
C LYS B 335 -4.07 -17.71 -28.61
N LYS B 336 -5.33 -17.80 -28.97
CA LYS B 336 -6.38 -18.25 -28.05
C LYS B 336 -5.98 -19.61 -27.46
N GLY B 337 -6.10 -19.74 -26.15
CA GLY B 337 -5.80 -20.97 -25.46
C GLY B 337 -4.36 -21.07 -24.97
N ASP B 338 -3.52 -20.13 -25.36
CA ASP B 338 -2.13 -20.11 -24.90
C ASP B 338 -2.10 -20.01 -23.37
N ARG B 339 -1.33 -20.90 -22.75
CA ARG B 339 -1.22 -20.87 -21.30
C ARG B 339 -0.02 -20.06 -20.90
N ILE B 340 -0.28 -19.00 -20.14
CA ILE B 340 0.71 -18.01 -19.82
C ILE B 340 0.89 -17.98 -18.33
N ALA B 341 2.10 -18.33 -17.89
CA ALA B 341 2.41 -18.36 -16.46
C ALA B 341 2.99 -17.02 -16.04
N LEU B 342 2.37 -16.39 -15.05
CA LEU B 342 2.89 -15.15 -14.50
C LEU B 342 3.70 -15.50 -13.25
N LEU B 343 5.00 -15.25 -13.28
CA LEU B 343 5.85 -15.57 -12.13
C LEU B 343 6.37 -14.28 -11.55
N GLY B 344 5.73 -13.82 -10.48
CA GLY B 344 6.15 -12.64 -9.76
C GLY B 344 6.94 -12.91 -8.48
N ILE B 345 7.85 -11.99 -8.16
CA ILE B 345 8.63 -12.08 -6.93
C ILE B 345 9.04 -10.66 -6.51
N GLY B 346 9.33 -10.47 -5.23
CA GLY B 346 9.65 -9.14 -4.76
C GLY B 346 10.45 -9.24 -3.49
N SER B 347 11.24 -8.20 -3.21
CA SER B 347 11.92 -8.09 -1.90
C SER B 347 10.91 -8.37 -0.81
N GLY B 348 11.29 -9.12 0.21
CA GLY B 348 10.36 -9.48 1.27
C GLY B 348 10.79 -10.65 2.13
N LEU B 349 10.97 -11.84 1.54
CA LEU B 349 10.75 -12.13 0.14
C LEU B 349 9.34 -12.71 -0.01
N ASN B 350 8.66 -12.33 -1.09
CA ASN B 350 7.35 -12.92 -1.43
C ASN B 350 7.34 -13.31 -2.89
N CYS B 351 6.65 -14.43 -3.16
CA CYS B 351 6.56 -14.99 -4.49
C CYS B 351 5.13 -15.42 -4.85
N SER B 352 4.67 -15.06 -6.05
CA SER B 352 3.35 -15.48 -6.46
C SER B 352 3.33 -15.90 -7.92
N MET B 353 2.71 -17.04 -8.19
CA MET B 353 2.65 -17.60 -9.55
C MET B 353 1.23 -17.93 -9.93
N ALA B 354 0.82 -17.43 -11.08
CA ALA B 354 -0.60 -17.49 -11.47
C ALA B 354 -0.71 -17.74 -12.96
N GLU B 355 -1.90 -18.17 -13.39
CA GLU B 355 -2.14 -18.51 -14.78
C GLU B 355 -3.17 -17.61 -15.47
N VAL B 356 -2.84 -17.22 -16.71
CA VAL B 356 -3.77 -16.61 -17.64
C VAL B 356 -3.93 -17.56 -18.83
N VAL B 357 -5.18 -17.82 -19.22
CA VAL B 357 -5.51 -18.51 -20.47
C VAL B 357 -5.93 -17.48 -21.51
N TRP B 358 -5.17 -17.35 -22.58
CA TRP B 358 -5.43 -16.31 -23.56
C TRP B 358 -6.77 -16.54 -24.28
#